data_6HQW
#
_entry.id   6HQW
#
_cell.length_a   113.133
_cell.length_b   113.133
_cell.length_c   72.970
_cell.angle_alpha   90.00
_cell.angle_beta   90.00
_cell.angle_gamma   120.00
#
_symmetry.space_group_name_H-M   'P 32'
#
loop_
_entity.id
_entity.type
_entity.pdbx_description
1 polymer 'Cytochrome P450'
2 non-polymer 'PROTOPORPHYRIN IX CONTAINING FE'
#
_entity_poly.entity_id   1
_entity_poly.type   'polypeptide(L)'
_entity_poly.pdbx_seq_one_letter_code
;MATQLAPEVPQFTYHSSPTATEAFAAWLKDNPQAIPAHSHPWDVSRSDIYVEDRWQPIFAEMRAKAPVNRVPDSPYGAYW
NVASHKAIMHVESLPELFSSSWQYGGITIGDPPEDVDPQKLAERQLPMFIAMDRPDHTGQRRTVAPAFTPAKMVEMEAEI
RRRTASVLDSLPWGERFDWVDKVSIELTTGMLAILFGFPWADRRLLTFWSDWAGDVELTLARELADTRFGFLGEMAHYFQ
RLWGARMQAPPSGDLISMMIHSEAMNHMSPQEFMGNLVLLIVGGNDTTRNTMSGIVHALDKFPDQRELLERDASLIPNAV
QECIRYVTPLAHMRRTATADTELFGNQIKAGEKVILWYISANRDETVFENPDKLMVDRPNARRHLSFGHGIHRCVGARLA
ELQLRILLEEMHERRMRVRVAGEVERVRANFVHGFRKLEVELEKR
;
_entity_poly.pdbx_strand_id   A,B
#
loop_
_chem_comp.id
_chem_comp.type
_chem_comp.name
_chem_comp.formula
HEM non-polymer 'PROTOPORPHYRIN IX CONTAINING FE' 'C34 H32 Fe N4 O4'
#
# COMPACT_ATOMS: atom_id res chain seq x y z
N SER A 39 2.81 -47.76 6.22
CA SER A 39 1.75 -46.99 5.49
C SER A 39 2.34 -46.25 4.28
N HIS A 40 3.01 -47.00 3.39
CA HIS A 40 3.31 -46.56 2.05
C HIS A 40 2.11 -45.77 1.53
N PRO A 41 0.86 -46.30 1.61
CA PRO A 41 -0.29 -45.58 1.05
C PRO A 41 -0.54 -44.17 1.61
N TRP A 42 -0.13 -43.85 2.86
CA TRP A 42 -0.29 -42.48 3.36
C TRP A 42 1.06 -41.74 3.48
N ASP A 43 2.08 -42.30 2.82
CA ASP A 43 3.30 -41.58 2.58
C ASP A 43 3.05 -40.51 1.50
N VAL A 44 2.82 -39.28 1.96
CA VAL A 44 2.52 -38.13 1.11
C VAL A 44 3.76 -37.22 0.95
N SER A 45 4.98 -37.75 1.23
CA SER A 45 6.23 -36.99 1.03
C SER A 45 6.68 -37.11 -0.44
N ARG A 46 6.14 -38.10 -1.16
CA ARG A 46 6.36 -38.27 -2.60
C ARG A 46 5.89 -37.03 -3.38
N SER A 47 6.73 -36.59 -4.32
CA SER A 47 6.52 -35.33 -5.00
C SER A 47 5.57 -35.49 -6.18
N ASP A 48 5.45 -36.70 -6.73
CA ASP A 48 4.57 -36.96 -7.90
C ASP A 48 3.17 -36.36 -7.65
N ILE A 49 2.59 -36.68 -6.48
CA ILE A 49 1.18 -36.43 -6.18
C ILE A 49 0.90 -34.93 -6.17
N TYR A 50 1.94 -34.12 -5.96
CA TYR A 50 1.83 -32.66 -6.03
C TYR A 50 2.04 -32.18 -7.47
N VAL A 51 2.93 -32.84 -8.21
CA VAL A 51 3.18 -32.55 -9.62
C VAL A 51 1.97 -33.02 -10.43
N GLU A 52 1.52 -34.25 -10.15
CA GLU A 52 0.36 -34.85 -10.80
C GLU A 52 -0.94 -34.29 -10.21
N ASP A 53 -0.85 -33.51 -9.14
CA ASP A 53 -1.99 -32.77 -8.60
C ASP A 53 -3.13 -33.72 -8.30
N ARG A 54 -2.88 -34.69 -7.42
CA ARG A 54 -3.84 -35.75 -7.11
C ARG A 54 -3.73 -36.16 -5.64
N TRP A 55 -3.38 -35.20 -4.77
CA TRP A 55 -3.19 -35.39 -3.31
C TRP A 55 -4.55 -35.31 -2.58
N GLN A 56 -5.39 -34.39 -3.03
CA GLN A 56 -6.82 -34.29 -2.68
C GLN A 56 -7.38 -35.59 -2.13
N PRO A 57 -7.63 -36.68 -2.90
CA PRO A 57 -8.34 -37.84 -2.37
C PRO A 57 -7.62 -38.48 -1.17
N ILE A 58 -6.28 -38.40 -1.17
CA ILE A 58 -5.41 -39.03 -0.18
C ILE A 58 -5.59 -38.32 1.19
N PHE A 59 -5.45 -37.00 1.21
CA PHE A 59 -5.56 -36.27 2.43
C PHE A 59 -7.00 -36.27 2.95
N ALA A 60 -7.97 -36.52 2.05
CA ALA A 60 -9.40 -36.63 2.42
C ALA A 60 -9.66 -37.94 3.19
N GLU A 61 -9.05 -39.02 2.69
CA GLU A 61 -9.09 -40.28 3.38
C GLU A 61 -8.55 -40.09 4.80
N MET A 62 -7.35 -39.51 4.91
CA MET A 62 -6.71 -39.27 6.22
C MET A 62 -7.62 -38.44 7.14
N ARG A 63 -8.18 -37.35 6.60
CA ARG A 63 -9.00 -36.42 7.36
C ARG A 63 -10.25 -37.11 7.92
N ALA A 64 -10.76 -38.09 7.16
CA ALA A 64 -11.93 -38.88 7.50
C ALA A 64 -11.57 -40.00 8.51
N LYS A 65 -10.51 -40.78 8.26
CA LYS A 65 -10.26 -42.00 9.04
C LYS A 65 -9.25 -41.77 10.18
N ALA A 66 -8.22 -40.92 9.98
CA ALA A 66 -7.16 -40.73 11.02
C ALA A 66 -6.36 -39.44 10.73
N PRO A 67 -6.91 -38.26 11.08
CA PRO A 67 -6.23 -36.98 10.87
C PRO A 67 -4.76 -36.96 11.33
N VAL A 68 -4.46 -37.68 12.41
CA VAL A 68 -3.08 -37.94 12.85
C VAL A 68 -2.81 -39.45 12.70
N ASN A 69 -1.65 -39.78 12.12
CA ASN A 69 -1.33 -41.15 11.70
C ASN A 69 0.17 -41.22 11.43
N ARG A 70 0.78 -42.36 11.73
CA ARG A 70 2.23 -42.48 11.68
C ARG A 70 2.65 -43.22 10.39
N VAL A 71 3.60 -42.61 9.68
CA VAL A 71 4.19 -43.14 8.48
C VAL A 71 5.48 -43.83 8.92
N PRO A 72 5.58 -45.19 8.93
CA PRO A 72 6.75 -45.93 9.42
C PRO A 72 8.11 -45.77 8.72
N ASP A 73 8.10 -45.52 7.41
CA ASP A 73 9.35 -45.33 6.70
C ASP A 73 9.09 -44.62 5.36
N SER A 74 10.07 -43.84 4.95
CA SER A 74 9.98 -43.00 3.83
C SER A 74 11.38 -42.49 3.53
N PRO A 75 11.66 -41.93 2.33
CA PRO A 75 12.94 -41.29 2.11
C PRO A 75 13.28 -40.23 3.17
N TYR A 76 12.37 -40.04 4.13
CA TYR A 76 12.54 -39.11 5.21
C TYR A 76 12.32 -39.78 6.59
N GLY A 77 12.54 -41.09 6.69
CA GLY A 77 12.33 -41.83 7.93
C GLY A 77 10.86 -41.85 8.29
N ALA A 78 10.56 -42.20 9.55
CA ALA A 78 9.21 -42.22 10.08
C ALA A 78 8.81 -40.78 10.45
N TYR A 79 7.50 -40.54 10.53
CA TYR A 79 6.93 -39.23 10.79
C TYR A 79 5.39 -39.32 10.91
N TRP A 80 4.80 -38.33 11.56
CA TRP A 80 3.39 -38.19 11.67
C TRP A 80 2.83 -37.15 10.69
N ASN A 81 1.81 -37.57 9.96
CA ASN A 81 0.89 -36.68 9.30
C ASN A 81 0.04 -36.00 10.37
N VAL A 82 -0.05 -34.66 10.33
CA VAL A 82 -1.07 -33.90 11.01
C VAL A 82 -1.86 -33.18 9.92
N ALA A 83 -3.14 -33.56 9.78
CA ALA A 83 -3.84 -33.35 8.52
C ALA A 83 -5.11 -32.50 8.65
N SER A 84 -5.61 -32.28 9.87
CA SER A 84 -6.86 -31.54 10.06
C SER A 84 -6.54 -30.09 10.38
N HIS A 85 -7.57 -29.26 10.39
CA HIS A 85 -7.35 -27.85 10.62
C HIS A 85 -7.00 -27.64 12.10
N LYS A 86 -7.77 -28.26 13.01
CA LYS A 86 -7.71 -28.02 14.46
C LYS A 86 -6.39 -28.56 15.04
N ALA A 87 -5.96 -29.73 14.55
CA ALA A 87 -4.72 -30.38 15.03
C ALA A 87 -3.47 -29.56 14.64
N ILE A 88 -3.48 -28.93 13.46
CA ILE A 88 -2.37 -28.07 13.11
C ILE A 88 -2.37 -26.86 14.04
N MET A 89 -3.53 -26.23 14.20
CA MET A 89 -3.63 -25.06 15.04
C MET A 89 -3.19 -25.45 16.45
N HIS A 90 -3.64 -26.63 16.89
CA HIS A 90 -3.29 -27.13 18.19
C HIS A 90 -1.76 -27.26 18.35
N VAL A 91 -1.13 -28.07 17.50
CA VAL A 91 0.27 -28.37 17.57
C VAL A 91 1.04 -27.05 17.59
N GLU A 92 0.60 -26.12 16.76
CA GLU A 92 1.41 -25.00 16.38
C GLU A 92 1.34 -24.00 17.55
N SER A 93 0.29 -24.12 18.35
CA SER A 93 0.12 -23.31 19.55
C SER A 93 0.90 -23.88 20.77
N LEU A 94 1.62 -25.00 20.67
CA LEU A 94 2.54 -25.47 21.74
C LEU A 94 3.92 -25.71 21.17
N PRO A 95 4.74 -24.66 21.00
CA PRO A 95 6.10 -24.79 20.48
C PRO A 95 7.16 -25.36 21.44
N GLU A 96 6.93 -25.22 22.75
CA GLU A 96 7.85 -25.78 23.76
C GLU A 96 7.82 -27.33 23.69
N LEU A 97 6.69 -27.86 23.20
CA LEU A 97 6.32 -29.28 23.16
C LEU A 97 6.39 -29.85 21.73
N PHE A 98 6.07 -29.02 20.73
CA PHE A 98 6.40 -29.36 19.34
C PHE A 98 7.40 -28.31 18.83
N SER A 99 8.69 -28.64 18.91
CA SER A 99 9.74 -27.68 18.67
C SER A 99 9.96 -27.53 17.18
N SER A 100 10.44 -26.35 16.82
CA SER A 100 10.76 -26.02 15.47
C SER A 100 12.23 -25.62 15.38
N SER A 101 13.03 -26.06 16.37
CA SER A 101 14.47 -25.77 16.49
C SER A 101 15.28 -26.59 15.48
N TRP A 102 16.20 -25.92 14.79
CA TRP A 102 17.24 -26.54 13.93
C TRP A 102 18.04 -27.66 14.61
N GLN A 103 18.28 -27.55 15.91
CA GLN A 103 18.92 -28.59 16.69
C GLN A 103 18.23 -29.93 16.45
N TYR A 104 16.90 -29.94 16.62
CA TYR A 104 16.06 -31.15 16.43
C TYR A 104 15.95 -31.50 14.96
N GLY A 105 16.11 -30.53 14.07
CA GLY A 105 16.18 -30.82 12.62
C GLY A 105 15.63 -29.74 11.70
N GLY A 106 15.13 -28.64 12.28
CA GLY A 106 14.52 -27.54 11.53
C GLY A 106 13.06 -27.80 11.22
N ILE A 107 12.52 -27.06 10.26
CA ILE A 107 11.08 -26.89 10.14
C ILE A 107 10.55 -27.58 8.88
N THR A 108 11.38 -28.40 8.22
CA THR A 108 10.99 -29.13 7.01
C THR A 108 10.93 -30.64 7.31
N ILE A 109 10.48 -31.44 6.33
CA ILE A 109 10.34 -32.89 6.51
C ILE A 109 11.71 -33.62 6.32
N GLY A 110 12.71 -32.91 5.81
CA GLY A 110 14.05 -33.43 5.70
C GLY A 110 14.88 -33.20 6.95
N ASP A 111 15.86 -34.10 7.16
CA ASP A 111 16.80 -34.09 8.25
C ASP A 111 18.21 -34.22 7.67
N PRO A 112 19.19 -33.49 8.25
CA PRO A 112 20.51 -33.28 7.63
C PRO A 112 21.26 -34.43 6.95
N PRO A 113 21.72 -35.47 7.68
CA PRO A 113 22.95 -36.17 7.30
C PRO A 113 22.74 -37.21 6.18
N GLU A 114 22.53 -38.47 6.59
CA GLU A 114 23.00 -39.74 5.97
C GLU A 114 24.13 -40.26 6.89
N ASP A 115 25.38 -40.35 6.41
CA ASP A 115 26.56 -40.40 7.30
C ASP A 115 27.21 -39.00 7.38
N VAL A 116 27.86 -38.57 6.29
CA VAL A 116 28.41 -37.19 6.11
C VAL A 116 29.62 -36.94 7.03
N ASP A 117 30.41 -35.93 6.63
CA ASP A 117 31.70 -35.62 7.22
C ASP A 117 31.48 -34.70 8.41
N PRO A 118 32.44 -34.66 9.36
CA PRO A 118 32.26 -33.92 10.62
C PRO A 118 32.38 -32.42 10.40
N GLN A 119 32.46 -31.69 11.51
CA GLN A 119 32.53 -30.22 11.61
C GLN A 119 33.44 -29.58 10.55
N LYS A 120 34.33 -30.37 9.94
CA LYS A 120 35.08 -29.94 8.76
C LYS A 120 34.14 -29.78 7.55
N LEU A 121 33.00 -30.51 7.52
CA LEU A 121 31.90 -30.30 6.53
C LEU A 121 30.50 -30.47 7.15
N ALA A 122 30.40 -30.49 8.50
CA ALA A 122 29.10 -30.41 9.20
C ALA A 122 28.79 -28.93 9.47
N GLU A 123 29.15 -28.09 8.49
CA GLU A 123 28.94 -26.65 8.47
C GLU A 123 27.59 -26.35 7.81
N ARG A 124 27.05 -27.37 7.11
CA ARG A 124 25.90 -27.27 6.21
C ARG A 124 24.69 -26.66 6.94
N GLN A 125 24.18 -27.33 7.99
CA GLN A 125 22.85 -27.01 8.57
C GLN A 125 22.82 -25.55 9.04
N LEU A 126 21.68 -24.88 8.76
CA LEU A 126 21.56 -23.43 8.93
C LEU A 126 20.53 -23.11 10.02
N PRO A 127 20.96 -22.45 11.12
CA PRO A 127 20.06 -21.93 12.13
C PRO A 127 19.45 -20.61 11.66
N MET A 128 18.16 -20.45 11.95
CA MET A 128 17.32 -19.36 11.48
C MET A 128 16.14 -19.25 12.46
N PHE A 129 15.55 -18.06 12.62
CA PHE A 129 14.56 -17.89 13.69
C PHE A 129 13.28 -18.69 13.44
N ILE A 130 12.94 -18.94 12.16
CA ILE A 130 11.83 -19.81 11.87
C ILE A 130 12.07 -21.16 12.55
N ALA A 131 13.35 -21.53 12.63
CA ALA A 131 13.83 -22.78 13.23
C ALA A 131 14.47 -22.50 14.59
N MET A 132 13.86 -21.63 15.40
CA MET A 132 14.31 -21.40 16.77
C MET A 132 13.12 -21.43 17.73
N ASP A 133 13.37 -22.01 18.91
CA ASP A 133 12.44 -21.97 20.01
C ASP A 133 12.51 -20.57 20.66
N ARG A 134 11.52 -20.24 21.47
CA ARG A 134 11.65 -19.15 22.37
C ARG A 134 12.71 -19.55 23.39
N PRO A 135 13.40 -18.56 23.98
CA PRO A 135 13.16 -17.14 23.79
C PRO A 135 13.92 -16.51 22.61
N ASP A 136 14.80 -17.29 21.98
CA ASP A 136 15.65 -16.80 20.91
C ASP A 136 14.78 -16.30 19.75
N HIS A 137 13.73 -17.06 19.42
CA HIS A 137 12.86 -16.72 18.33
C HIS A 137 12.26 -15.33 18.53
N THR A 138 11.84 -15.03 19.75
CA THR A 138 11.07 -13.83 20.00
C THR A 138 11.89 -12.59 19.62
N GLY A 139 13.12 -12.50 20.13
CA GLY A 139 14.01 -11.35 19.92
C GLY A 139 14.41 -11.18 18.47
N GLN A 140 14.52 -12.30 17.76
CA GLN A 140 14.88 -12.34 16.35
C GLN A 140 13.69 -11.88 15.48
N ARG A 141 12.47 -12.36 15.75
CA ARG A 141 11.27 -11.94 15.00
C ARG A 141 11.05 -10.43 15.20
N ARG A 142 11.22 -9.95 16.44
CA ARG A 142 10.88 -8.58 16.82
C ARG A 142 11.71 -7.57 16.02
N THR A 143 12.83 -8.03 15.44
CA THR A 143 13.82 -7.14 14.78
C THR A 143 13.63 -7.06 13.24
N VAL A 144 12.71 -7.85 12.69
CA VAL A 144 12.29 -7.76 11.28
C VAL A 144 10.82 -7.32 11.20
N ALA A 145 10.10 -7.37 12.32
CA ALA A 145 8.65 -7.24 12.32
C ALA A 145 8.22 -5.83 11.91
N PRO A 146 8.92 -4.74 12.34
CA PRO A 146 8.50 -3.36 12.02
C PRO A 146 8.48 -2.97 10.54
N ALA A 147 9.18 -3.73 9.70
CA ALA A 147 9.14 -3.57 8.24
C ALA A 147 7.82 -4.07 7.66
N PHE A 148 6.93 -4.61 8.51
CA PHE A 148 5.68 -5.26 8.11
C PHE A 148 4.51 -4.82 8.99
N THR A 149 4.66 -3.67 9.67
CA THR A 149 3.57 -2.98 10.35
C THR A 149 2.59 -2.50 9.26
N PRO A 150 1.27 -2.36 9.52
CA PRO A 150 0.36 -1.74 8.55
C PRO A 150 0.77 -0.31 8.16
N ALA A 151 1.15 0.49 9.15
CA ALA A 151 1.77 1.80 8.94
C ALA A 151 2.76 1.75 7.76
N LYS A 152 3.62 0.73 7.74
CA LYS A 152 4.70 0.64 6.74
C LYS A 152 4.18 0.08 5.39
N MET A 153 2.97 -0.48 5.38
CA MET A 153 2.37 -0.98 4.11
C MET A 153 1.68 0.18 3.37
N VAL A 154 1.16 1.14 4.13
CA VAL A 154 0.65 2.42 3.60
C VAL A 154 1.80 3.19 2.93
N GLU A 155 2.99 3.09 3.57
CA GLU A 155 4.20 3.76 3.18
C GLU A 155 4.87 3.02 2.01
N MET A 156 4.49 1.76 1.73
CA MET A 156 5.12 0.96 0.67
C MET A 156 4.17 0.68 -0.51
N GLU A 157 2.87 0.90 -0.31
CA GLU A 157 1.81 0.73 -1.33
C GLU A 157 2.24 1.37 -2.65
N ALA A 158 2.51 2.68 -2.59
CA ALA A 158 2.73 3.54 -3.71
C ALA A 158 3.85 3.02 -4.63
N GLU A 159 5.03 2.70 -4.09
CA GLU A 159 6.14 2.23 -4.98
C GLU A 159 5.80 0.84 -5.57
N ILE A 160 5.08 -0.01 -4.83
CA ILE A 160 4.66 -1.31 -5.31
C ILE A 160 3.73 -1.16 -6.52
N ARG A 161 2.79 -0.20 -6.41
CA ARG A 161 1.71 -0.02 -7.37
C ARG A 161 2.31 0.34 -8.72
N ARG A 162 3.20 1.36 -8.71
CA ARG A 162 4.03 1.79 -9.85
C ARG A 162 4.80 0.60 -10.45
N ARG A 163 5.49 -0.18 -9.62
CA ARG A 163 6.31 -1.28 -10.10
C ARG A 163 5.42 -2.32 -10.83
N THR A 164 4.27 -2.60 -10.20
CA THR A 164 3.30 -3.56 -10.71
C THR A 164 2.71 -3.02 -12.01
N ALA A 165 2.26 -1.76 -11.97
CA ALA A 165 1.76 -1.03 -13.14
C ALA A 165 2.73 -1.16 -14.31
N SER A 166 4.00 -0.79 -14.08
CA SER A 166 5.08 -0.84 -15.08
C SER A 166 5.20 -2.25 -15.66
N VAL A 167 5.57 -3.21 -14.81
CA VAL A 167 5.82 -4.59 -15.21
C VAL A 167 4.64 -5.09 -16.03
N LEU A 168 3.45 -4.88 -15.47
CA LEU A 168 2.19 -5.34 -16.04
C LEU A 168 1.93 -4.67 -17.39
N ASP A 169 2.42 -3.43 -17.56
CA ASP A 169 2.21 -2.62 -18.80
C ASP A 169 3.17 -3.03 -19.92
N SER A 170 4.27 -3.71 -19.56
CA SER A 170 5.27 -4.17 -20.54
C SER A 170 4.87 -5.50 -21.19
N LEU A 171 3.68 -6.01 -20.89
CA LEU A 171 3.36 -7.38 -21.29
C LEU A 171 2.65 -7.35 -22.64
N PRO A 172 2.88 -8.37 -23.51
CA PRO A 172 2.41 -8.33 -24.89
C PRO A 172 1.02 -8.98 -24.97
N TRP A 173 -0.01 -8.17 -25.22
CA TRP A 173 -1.35 -8.74 -25.42
C TRP A 173 -1.28 -9.60 -26.68
N GLY A 174 -2.00 -10.73 -26.67
CA GLY A 174 -2.13 -11.59 -27.84
C GLY A 174 -1.12 -12.72 -27.86
N GLU A 175 0.17 -12.40 -27.70
CA GLU A 175 1.24 -13.42 -27.63
C GLU A 175 1.05 -14.30 -26.38
N ARG A 176 1.77 -15.43 -26.42
CA ARG A 176 1.95 -16.41 -25.37
C ARG A 176 3.37 -16.25 -24.77
N PHE A 177 3.48 -16.18 -23.44
CA PHE A 177 4.76 -16.00 -22.73
C PHE A 177 4.73 -16.68 -21.35
N ASP A 178 5.87 -16.78 -20.66
CA ASP A 178 5.93 -17.44 -19.33
C ASP A 178 5.66 -16.43 -18.20
N TRP A 179 4.44 -16.52 -17.66
CA TRP A 179 3.97 -15.65 -16.60
C TRP A 179 4.90 -15.72 -15.36
N VAL A 180 5.37 -16.93 -15.04
CA VAL A 180 6.24 -17.10 -13.87
C VAL A 180 7.38 -16.10 -14.01
N ASP A 181 8.06 -16.21 -15.16
CA ASP A 181 9.23 -15.42 -15.45
C ASP A 181 8.86 -13.94 -15.56
N LYS A 182 7.84 -13.65 -16.39
CA LYS A 182 7.64 -12.28 -16.90
C LYS A 182 6.90 -11.43 -15.85
N VAL A 183 6.16 -12.09 -14.95
CA VAL A 183 5.34 -11.38 -13.95
C VAL A 183 5.78 -11.74 -12.52
N SER A 184 5.66 -13.01 -12.17
CA SER A 184 5.62 -13.42 -10.76
C SER A 184 7.02 -13.34 -10.13
N ILE A 185 8.04 -13.85 -10.84
CA ILE A 185 9.43 -13.71 -10.39
C ILE A 185 9.82 -12.23 -10.38
N GLU A 186 9.36 -11.47 -11.38
CA GLU A 186 9.78 -10.08 -11.59
C GLU A 186 9.32 -9.21 -10.40
N LEU A 187 8.02 -9.29 -10.10
CA LEU A 187 7.37 -8.50 -9.03
C LEU A 187 7.89 -8.88 -7.63
N THR A 188 8.11 -10.18 -7.38
CA THR A 188 8.42 -10.68 -6.04
C THR A 188 9.89 -10.39 -5.72
N THR A 189 10.79 -10.71 -6.66
CA THR A 189 12.21 -10.50 -6.40
C THR A 189 12.49 -9.01 -6.50
N GLY A 190 11.59 -8.29 -7.19
CA GLY A 190 11.60 -6.86 -7.17
C GLY A 190 11.34 -6.39 -5.77
N MET A 191 10.24 -6.89 -5.19
CA MET A 191 9.78 -6.53 -3.85
C MET A 191 10.89 -6.82 -2.84
N LEU A 192 11.54 -7.98 -2.99
CA LEU A 192 12.56 -8.44 -2.04
C LEU A 192 13.78 -7.51 -2.06
N ALA A 193 14.14 -7.03 -3.24
CA ALA A 193 15.23 -6.10 -3.44
C ALA A 193 14.96 -4.82 -2.65
N ILE A 194 13.78 -4.21 -2.86
CA ILE A 194 13.43 -2.99 -2.11
C ILE A 194 13.85 -3.20 -0.65
N LEU A 195 13.26 -4.22 -0.01
CA LEU A 195 13.32 -4.48 1.43
C LEU A 195 14.75 -4.53 1.95
N PHE A 196 15.65 -5.17 1.20
CA PHE A 196 17.08 -5.34 1.62
C PHE A 196 17.91 -4.08 1.34
N GLY A 197 17.44 -3.23 0.41
CA GLY A 197 18.31 -2.28 -0.26
C GLY A 197 19.33 -2.99 -1.13
N PHE A 198 18.86 -3.88 -2.01
CA PHE A 198 19.73 -4.68 -2.88
C PHE A 198 19.97 -3.92 -4.18
N PRO A 199 21.16 -4.05 -4.81
CA PRO A 199 21.39 -3.52 -6.17
C PRO A 199 20.44 -4.04 -7.27
N TRP A 200 19.55 -3.17 -7.74
CA TRP A 200 18.53 -3.53 -8.73
C TRP A 200 19.20 -3.81 -10.08
N ARG A 204 14.90 -10.73 -12.46
CA ARG A 204 15.44 -12.00 -11.99
C ARG A 204 16.96 -11.86 -11.75
N LEU A 205 17.39 -11.70 -10.49
CA LEU A 205 18.84 -11.67 -10.14
C LEU A 205 19.16 -12.57 -8.92
N LEU A 206 18.53 -12.31 -7.77
CA LEU A 206 18.83 -13.02 -6.49
C LEU A 206 17.86 -14.20 -6.29
N THR A 207 16.93 -14.37 -7.26
CA THR A 207 16.03 -15.53 -7.27
C THR A 207 16.82 -16.82 -7.52
N PHE A 208 18.04 -16.69 -8.07
CA PHE A 208 18.97 -17.82 -8.24
C PHE A 208 19.14 -18.60 -6.92
N TRP A 209 19.52 -17.91 -5.85
CA TRP A 209 19.94 -18.60 -4.62
C TRP A 209 18.77 -18.74 -3.61
N SER A 210 17.53 -18.68 -4.13
CA SER A 210 16.27 -19.00 -3.44
C SER A 210 15.76 -20.37 -3.89
N ASP A 211 15.81 -20.59 -5.20
CA ASP A 211 15.49 -21.88 -5.80
C ASP A 211 16.57 -22.88 -5.38
N TRP A 212 17.74 -22.36 -4.94
CA TRP A 212 18.89 -23.14 -4.42
C TRP A 212 18.67 -23.53 -2.94
N ALA A 213 18.32 -22.54 -2.10
CA ALA A 213 18.18 -22.71 -0.67
C ALA A 213 16.89 -23.43 -0.26
N GLY A 214 15.83 -23.37 -1.09
CA GLY A 214 14.48 -23.73 -0.66
C GLY A 214 14.11 -25.17 -0.98
N LEU A 218 15.43 -31.68 -3.50
CA LEU A 218 16.84 -31.63 -3.82
C LEU A 218 17.66 -32.20 -2.67
N THR A 219 17.18 -32.06 -1.44
CA THR A 219 17.83 -32.66 -0.27
C THR A 219 18.00 -34.18 -0.41
N LEU A 220 17.38 -34.77 -1.45
CA LEU A 220 17.44 -36.21 -1.73
C LEU A 220 18.57 -36.56 -2.71
N ALA A 221 19.32 -35.55 -3.18
CA ALA A 221 20.45 -35.77 -4.08
C ALA A 221 21.76 -35.45 -3.35
N ARG A 222 22.29 -36.48 -2.70
CA ARG A 222 23.66 -36.53 -2.21
C ARG A 222 24.59 -35.67 -3.10
N GLU A 223 24.70 -36.05 -4.39
CA GLU A 223 25.68 -35.53 -5.35
C GLU A 223 25.70 -33.99 -5.42
N LEU A 224 24.56 -33.34 -5.09
CA LEU A 224 24.35 -31.92 -5.38
C LEU A 224 24.52 -31.03 -4.14
N ALA A 225 24.83 -31.62 -2.98
CA ALA A 225 24.92 -30.85 -1.73
C ALA A 225 26.07 -29.82 -1.79
N ASP A 226 27.19 -30.20 -2.41
CA ASP A 226 28.45 -29.41 -2.44
C ASP A 226 28.24 -28.12 -3.26
N THR A 227 27.58 -28.23 -4.43
CA THR A 227 27.38 -27.12 -5.38
C THR A 227 26.30 -26.16 -4.82
N ARG A 228 25.43 -26.68 -3.96
CA ARG A 228 24.44 -25.89 -3.25
C ARG A 228 25.14 -24.96 -2.23
N PHE A 229 25.93 -25.56 -1.33
CA PHE A 229 26.75 -24.88 -0.31
C PHE A 229 27.69 -23.85 -0.96
N GLY A 230 28.18 -24.17 -2.17
CA GLY A 230 28.88 -23.21 -3.03
C GLY A 230 28.07 -21.93 -3.24
N PHE A 231 26.92 -22.07 -3.91
CA PHE A 231 26.03 -20.96 -4.24
C PHE A 231 25.71 -20.12 -2.99
N LEU A 232 25.35 -20.78 -1.88
CA LEU A 232 24.96 -20.08 -0.64
C LEU A 232 26.18 -19.34 -0.09
N GLY A 233 27.37 -19.88 -0.38
CA GLY A 233 28.64 -19.23 -0.15
C GLY A 233 28.66 -17.86 -0.78
N GLU A 234 28.62 -17.85 -2.13
CA GLU A 234 28.48 -16.64 -2.96
C GLU A 234 27.63 -15.59 -2.22
N MET A 235 26.34 -15.87 -2.03
CA MET A 235 25.42 -14.85 -1.52
C MET A 235 25.85 -14.39 -0.12
N ALA A 236 26.42 -15.32 0.67
CA ALA A 236 26.88 -15.01 2.01
C ALA A 236 27.94 -13.90 1.93
N HIS A 237 28.93 -14.09 1.05
CA HIS A 237 29.95 -13.08 0.74
C HIS A 237 29.29 -11.79 0.27
N TYR A 238 28.39 -11.91 -0.72
CA TYR A 238 27.78 -10.73 -1.30
C TYR A 238 27.11 -9.94 -0.18
N PHE A 239 26.34 -10.63 0.66
CA PHE A 239 25.53 -10.02 1.70
C PHE A 239 26.43 -9.54 2.85
N GLN A 240 27.60 -10.16 2.97
CA GLN A 240 28.63 -9.73 3.89
C GLN A 240 29.12 -8.35 3.48
N ARG A 241 29.51 -8.19 2.21
CA ARG A 241 29.92 -6.89 1.67
C ARG A 241 28.85 -5.85 2.01
N LEU A 242 27.62 -6.08 1.51
CA LEU A 242 26.42 -5.28 1.83
C LEU A 242 26.32 -4.96 3.34
N TRP A 243 26.71 -5.91 4.21
CA TRP A 243 26.67 -5.71 5.69
C TRP A 243 27.61 -4.58 6.10
N GLY A 244 28.86 -4.67 5.66
CA GLY A 244 29.89 -3.68 5.97
C GLY A 244 29.53 -2.30 5.42
N ALA A 245 28.91 -2.29 4.23
CA ALA A 245 28.49 -1.07 3.52
C ALA A 245 27.45 -0.30 4.34
N ARG A 246 26.42 -1.01 4.82
CA ARG A 246 25.36 -0.43 5.65
C ARG A 246 25.88 -0.13 7.07
N MET A 247 26.83 -0.96 7.55
CA MET A 247 27.40 -0.91 8.91
C MET A 247 27.90 0.50 9.23
N GLN A 248 28.20 1.28 8.17
CA GLN A 248 28.59 2.70 8.27
C GLN A 248 27.40 3.53 8.79
N GLY A 253 16.53 1.64 7.19
CA GLY A 253 15.14 1.15 7.01
C GLY A 253 15.02 -0.24 6.38
N ASP A 254 16.05 -0.64 5.64
CA ASP A 254 16.13 -1.97 5.04
C ASP A 254 16.36 -2.99 6.16
N LEU A 255 16.23 -4.29 5.83
CA LEU A 255 16.27 -5.35 6.83
C LEU A 255 17.70 -5.49 7.37
N ILE A 256 18.68 -5.11 6.54
CA ILE A 256 20.08 -5.06 6.97
C ILE A 256 20.18 -3.96 8.04
N SER A 257 19.83 -2.72 7.67
CA SER A 257 19.67 -1.63 8.64
C SER A 257 19.15 -2.19 9.97
N MET A 258 17.97 -2.83 9.95
CA MET A 258 17.26 -3.28 11.16
C MET A 258 17.99 -4.45 11.83
N MET A 259 18.64 -5.31 11.03
CA MET A 259 19.41 -6.44 11.58
C MET A 259 20.73 -5.93 12.19
N ILE A 260 21.36 -4.92 11.56
CA ILE A 260 22.66 -4.32 11.99
C ILE A 260 22.48 -3.62 13.35
N HIS A 261 21.31 -2.99 13.55
CA HIS A 261 20.97 -2.20 14.73
C HIS A 261 20.18 -3.05 15.75
N SER A 262 20.43 -4.37 15.76
CA SER A 262 19.75 -5.32 16.65
C SER A 262 20.81 -6.21 17.31
N GLU A 263 20.79 -6.30 18.65
CA GLU A 263 21.79 -7.09 19.38
C GLU A 263 21.47 -8.59 19.27
N ALA A 264 20.23 -8.89 18.85
CA ALA A 264 19.81 -10.23 18.44
C ALA A 264 20.70 -10.74 17.28
N MET A 265 20.79 -9.91 16.23
CA MET A 265 21.24 -10.35 14.91
C MET A 265 22.48 -9.58 14.41
N ASN A 266 23.14 -8.81 15.29
CA ASN A 266 24.34 -8.02 14.89
C ASN A 266 25.60 -8.91 14.95
N HIS A 267 25.55 -9.95 15.79
CA HIS A 267 26.69 -10.81 16.12
C HIS A 267 26.39 -12.27 15.76
N MET A 268 25.78 -12.51 14.60
CA MET A 268 25.38 -13.86 14.22
C MET A 268 26.57 -14.65 13.66
N SER A 269 26.81 -15.85 14.23
CA SER A 269 27.72 -16.89 13.68
C SER A 269 27.65 -16.96 12.16
N PRO A 270 28.75 -17.31 11.47
CA PRO A 270 28.70 -17.52 10.02
C PRO A 270 27.47 -18.31 9.54
N GLN A 271 27.18 -19.43 10.22
CA GLN A 271 26.10 -20.36 9.83
C GLN A 271 24.72 -19.68 9.95
N GLU A 272 24.44 -19.12 11.14
CA GLU A 272 23.18 -18.41 11.46
C GLU A 272 22.94 -17.29 10.43
N PHE A 273 23.98 -16.51 10.12
CA PHE A 273 23.89 -15.36 9.20
C PHE A 273 23.43 -15.83 7.82
N MET A 274 24.01 -16.95 7.36
CA MET A 274 23.62 -17.61 6.10
C MET A 274 22.15 -18.03 6.18
N GLY A 275 21.79 -18.68 7.30
CA GLY A 275 20.44 -19.20 7.58
C GLY A 275 19.38 -18.12 7.65
N ASN A 276 19.67 -17.07 8.43
CA ASN A 276 18.70 -15.96 8.54
C ASN A 276 18.56 -15.32 7.14
N LEU A 277 19.67 -15.16 6.42
CA LEU A 277 19.61 -14.60 5.06
C LEU A 277 18.74 -15.47 4.16
N VAL A 278 18.89 -16.81 4.25
CA VAL A 278 18.08 -17.82 3.50
C VAL A 278 16.58 -17.61 3.79
N LEU A 279 16.23 -17.49 5.09
CA LEU A 279 14.88 -17.20 5.58
C LEU A 279 14.32 -16.00 4.84
N LEU A 280 14.90 -14.82 5.00
CA LEU A 280 14.24 -13.57 4.53
C LEU A 280 14.19 -13.58 3.00
N ILE A 281 15.21 -14.20 2.39
CA ILE A 281 15.26 -14.35 0.94
C ILE A 281 14.11 -15.28 0.53
N VAL A 282 14.12 -16.52 1.01
CA VAL A 282 13.12 -17.49 0.54
C VAL A 282 11.73 -17.05 0.98
N GLY A 283 11.63 -16.68 2.26
CA GLY A 283 10.39 -16.21 2.87
C GLY A 283 9.63 -15.26 1.97
N GLY A 284 10.32 -14.22 1.48
CA GLY A 284 9.67 -13.15 0.74
C GLY A 284 9.76 -13.31 -0.77
N ASN A 285 10.18 -14.50 -1.23
CA ASN A 285 10.39 -14.75 -2.64
C ASN A 285 9.39 -15.81 -3.12
N ASP A 286 9.70 -17.08 -2.86
CA ASP A 286 9.06 -18.19 -3.57
C ASP A 286 7.56 -18.23 -3.29
N THR A 287 7.15 -17.93 -2.05
CA THR A 287 5.76 -18.06 -1.62
C THR A 287 4.88 -17.13 -2.46
N THR A 288 5.35 -15.89 -2.65
CA THR A 288 4.59 -14.88 -3.34
C THR A 288 4.57 -15.20 -4.84
N ARG A 289 5.71 -15.59 -5.42
CA ARG A 289 5.77 -15.99 -6.85
C ARG A 289 4.64 -16.96 -7.15
N ASN A 290 4.57 -18.01 -6.31
CA ASN A 290 3.75 -19.17 -6.56
C ASN A 290 2.29 -18.82 -6.37
N THR A 291 1.97 -18.06 -5.32
CA THR A 291 0.64 -17.47 -5.13
C THR A 291 0.23 -16.69 -6.39
N MET A 292 1.13 -15.83 -6.89
CA MET A 292 0.91 -15.10 -8.14
C MET A 292 0.68 -16.05 -9.33
N SER A 293 1.42 -17.15 -9.42
CA SER A 293 1.25 -18.12 -10.50
C SER A 293 -0.09 -18.84 -10.36
N GLY A 294 -0.40 -19.29 -9.12
CA GLY A 294 -1.61 -20.02 -8.78
C GLY A 294 -2.86 -19.19 -9.00
N ILE A 295 -2.80 -17.89 -8.70
CA ILE A 295 -3.95 -17.02 -8.89
C ILE A 295 -4.44 -17.16 -10.35
N VAL A 296 -3.58 -16.90 -11.35
CA VAL A 296 -4.06 -16.86 -12.74
C VAL A 296 -4.50 -18.25 -13.17
N HIS A 297 -3.79 -19.28 -12.69
CA HIS A 297 -4.13 -20.68 -13.00
C HIS A 297 -5.47 -21.05 -12.39
N ALA A 298 -5.63 -20.69 -11.11
CA ALA A 298 -6.84 -21.02 -10.37
C ALA A 298 -8.03 -20.34 -11.04
N LEU A 299 -7.88 -19.07 -11.43
CA LEU A 299 -8.96 -18.32 -12.05
C LEU A 299 -9.22 -18.84 -13.47
N ASP A 300 -8.17 -19.28 -14.14
CA ASP A 300 -8.34 -19.83 -15.48
C ASP A 300 -9.07 -21.17 -15.37
N LYS A 301 -8.89 -21.86 -14.25
CA LYS A 301 -9.59 -23.12 -13.94
C LYS A 301 -11.03 -22.85 -13.48
N PHE A 302 -11.27 -21.69 -12.87
CA PHE A 302 -12.55 -21.36 -12.24
C PHE A 302 -13.04 -20.02 -12.79
N PRO A 303 -13.36 -19.95 -14.11
CA PRO A 303 -13.72 -18.70 -14.77
C PRO A 303 -15.06 -18.10 -14.33
N ASP A 304 -16.02 -18.98 -13.96
CA ASP A 304 -17.20 -18.60 -13.17
C ASP A 304 -16.82 -17.46 -12.22
N GLN A 305 -15.76 -17.73 -11.43
CA GLN A 305 -15.24 -16.84 -10.40
C GLN A 305 -14.59 -15.61 -11.00
N ARG A 306 -13.74 -15.81 -12.01
CA ARG A 306 -13.02 -14.69 -12.62
C ARG A 306 -14.02 -13.61 -13.05
N GLU A 307 -15.13 -14.02 -13.68
CA GLU A 307 -16.11 -13.12 -14.29
C GLU A 307 -17.07 -12.56 -13.23
N LEU A 308 -17.00 -13.10 -12.01
CA LEU A 308 -17.64 -12.53 -10.82
C LEU A 308 -16.70 -11.47 -10.22
N LEU A 309 -15.39 -11.69 -10.36
CA LEU A 309 -14.37 -10.77 -9.89
C LEU A 309 -14.29 -9.59 -10.85
N GLU A 310 -14.44 -9.91 -12.15
CA GLU A 310 -14.57 -8.91 -13.21
C GLU A 310 -15.77 -8.00 -12.90
N ARG A 311 -16.94 -8.60 -12.68
CA ARG A 311 -18.13 -7.83 -12.35
C ARG A 311 -17.85 -6.97 -11.10
N ASP A 312 -17.36 -7.61 -10.03
CA ASP A 312 -17.25 -6.95 -8.71
C ASP A 312 -15.84 -7.10 -8.14
N ALA A 313 -15.02 -6.04 -8.28
CA ALA A 313 -13.62 -6.04 -7.84
C ALA A 313 -13.48 -5.45 -6.42
N SER A 314 -14.59 -5.11 -5.76
CA SER A 314 -14.59 -4.89 -4.30
C SER A 314 -14.24 -6.19 -3.57
N LEU A 315 -14.29 -7.33 -4.27
CA LEU A 315 -14.11 -8.66 -3.71
C LEU A 315 -12.64 -9.12 -3.80
N ILE A 316 -11.72 -8.21 -4.14
CA ILE A 316 -10.31 -8.57 -4.37
C ILE A 316 -9.60 -8.92 -3.06
N PRO A 317 -9.60 -8.05 -2.02
CA PRO A 317 -9.08 -8.40 -0.69
C PRO A 317 -9.37 -9.84 -0.22
N ASN A 318 -10.58 -10.32 -0.50
CA ASN A 318 -11.02 -11.66 -0.14
C ASN A 318 -10.57 -12.68 -1.19
N ALA A 319 -10.46 -12.23 -2.44
CA ALA A 319 -10.03 -13.10 -3.52
C ALA A 319 -8.62 -13.62 -3.23
N VAL A 320 -7.79 -12.70 -2.68
CA VAL A 320 -6.38 -12.91 -2.30
C VAL A 320 -6.28 -14.05 -1.29
N GLN A 321 -7.16 -13.98 -0.28
CA GLN A 321 -7.25 -14.92 0.82
C GLN A 321 -7.78 -16.27 0.35
N GLU A 322 -8.63 -16.30 -0.69
CA GLU A 322 -9.18 -17.56 -1.22
C GLU A 322 -8.17 -18.28 -2.11
N CYS A 323 -7.24 -17.51 -2.69
CA CYS A 323 -6.20 -18.01 -3.60
C CYS A 323 -5.06 -18.56 -2.77
N ILE A 324 -4.64 -17.77 -1.78
CA ILE A 324 -3.65 -18.17 -0.81
C ILE A 324 -4.09 -19.48 -0.15
N ARG A 325 -5.38 -19.63 0.15
CA ARG A 325 -5.91 -20.87 0.73
C ARG A 325 -5.82 -21.96 -0.34
N TYR A 326 -6.42 -21.68 -1.50
CA TYR A 326 -6.56 -22.67 -2.56
C TYR A 326 -5.18 -23.23 -2.90
N VAL A 327 -4.21 -22.33 -3.09
CA VAL A 327 -2.90 -22.66 -3.62
C VAL A 327 -2.05 -23.31 -2.53
N THR A 328 -2.03 -22.68 -1.34
CA THR A 328 -1.19 -23.14 -0.26
C THR A 328 0.22 -23.25 -0.83
N PRO A 329 0.90 -22.11 -0.98
CA PRO A 329 2.26 -22.06 -1.55
C PRO A 329 3.27 -23.02 -0.90
N LEU A 330 3.31 -23.04 0.44
CA LEU A 330 4.00 -24.06 1.22
C LEU A 330 2.93 -25.03 1.77
N ALA A 331 3.15 -26.32 1.48
CA ALA A 331 2.18 -27.42 1.67
C ALA A 331 2.30 -27.99 3.09
N HIS A 332 3.40 -27.69 3.77
CA HIS A 332 3.65 -28.19 5.10
C HIS A 332 4.79 -27.40 5.76
N MET A 333 4.80 -27.51 7.08
CA MET A 333 5.90 -27.17 7.95
C MET A 333 6.05 -28.32 8.95
N ARG A 334 7.21 -28.43 9.58
CA ARG A 334 7.48 -29.56 10.43
C ARG A 334 7.70 -29.09 11.85
N ARG A 335 7.39 -29.99 12.78
CA ARG A 335 7.81 -29.82 14.11
C ARG A 335 8.40 -31.16 14.58
N THR A 336 9.11 -31.11 15.71
CA THR A 336 9.71 -32.28 16.31
C THR A 336 9.23 -32.37 17.75
N ALA A 337 8.75 -33.55 18.17
CA ALA A 337 8.15 -33.66 19.49
C ALA A 337 9.30 -33.64 20.49
N THR A 338 9.07 -32.96 21.59
CA THR A 338 10.05 -32.61 22.55
C THR A 338 10.12 -33.65 23.69
N ALA A 339 9.06 -34.47 23.80
CA ALA A 339 8.80 -35.43 24.88
C ALA A 339 7.58 -36.26 24.48
N ASP A 340 7.22 -37.29 25.26
CA ASP A 340 6.10 -38.19 24.93
C ASP A 340 4.80 -37.40 25.11
N THR A 341 3.76 -37.65 24.28
CA THR A 341 2.46 -36.93 24.43
C THR A 341 1.32 -37.56 23.62
N GLU A 342 0.09 -37.44 24.15
CA GLU A 342 -1.12 -37.67 23.39
C GLU A 342 -1.32 -36.44 22.51
N LEU A 343 -1.70 -36.68 21.26
CA LEU A 343 -1.87 -35.60 20.34
C LEU A 343 -3.31 -35.56 19.86
N PHE A 344 -3.84 -36.65 19.29
CA PHE A 344 -5.27 -36.72 19.01
C PHE A 344 -5.66 -38.18 19.12
N GLY A 345 -5.58 -38.68 20.36
CA GLY A 345 -5.76 -40.08 20.65
C GLY A 345 -4.63 -40.91 20.08
N ASN A 346 -3.48 -40.26 19.82
CA ASN A 346 -2.25 -40.87 19.30
C ASN A 346 -1.07 -40.56 20.21
N GLN A 347 -0.23 -41.59 20.45
CA GLN A 347 0.90 -41.48 21.35
C GLN A 347 2.13 -41.11 20.53
N ILE A 348 2.45 -39.80 20.59
CA ILE A 348 3.62 -39.23 19.94
C ILE A 348 4.80 -39.47 20.86
N LYS A 349 5.84 -40.08 20.29
CA LYS A 349 7.01 -40.31 21.03
C LYS A 349 7.97 -39.13 20.87
N ALA A 350 8.68 -38.87 21.98
CA ALA A 350 9.69 -37.88 22.05
C ALA A 350 10.65 -38.05 20.87
N GLY A 351 10.90 -36.97 20.14
CA GLY A 351 11.86 -36.95 19.08
C GLY A 351 11.26 -37.22 17.70
N GLU A 352 9.99 -37.59 17.63
CA GLU A 352 9.38 -37.94 16.35
C GLU A 352 9.01 -36.66 15.56
N LYS A 353 9.34 -36.67 14.26
CA LYS A 353 8.80 -35.73 13.26
C LYS A 353 7.26 -35.69 13.26
N VAL A 354 6.75 -34.46 13.30
CA VAL A 354 5.36 -34.17 13.18
C VAL A 354 5.19 -33.20 12.02
N ILE A 355 4.54 -33.65 10.94
CA ILE A 355 4.45 -32.87 9.74
C ILE A 355 3.06 -32.23 9.71
N LEU A 356 3.03 -30.89 9.69
CA LEU A 356 1.81 -30.12 9.62
C LEU A 356 1.53 -29.80 8.15
N TRP A 357 0.61 -30.58 7.58
CA TRP A 357 0.15 -30.49 6.21
C TRP A 357 -0.96 -29.43 6.02
N TYR A 358 -0.55 -28.18 5.85
CA TYR A 358 -1.46 -27.08 5.60
C TYR A 358 -2.27 -27.35 4.35
N ILE A 359 -1.72 -28.14 3.43
CA ILE A 359 -2.34 -28.32 2.15
C ILE A 359 -3.66 -29.10 2.35
N SER A 360 -3.69 -29.95 3.38
CA SER A 360 -4.88 -30.73 3.80
C SER A 360 -5.81 -29.87 4.66
N ALA A 361 -5.22 -29.04 5.51
CA ALA A 361 -5.96 -28.28 6.45
C ALA A 361 -6.81 -27.27 5.69
N ASN A 362 -6.28 -26.78 4.56
CA ASN A 362 -6.93 -25.72 3.78
C ASN A 362 -8.09 -26.30 2.97
N ARG A 363 -8.37 -27.60 3.15
CA ARG A 363 -9.48 -28.29 2.53
C ARG A 363 -10.21 -29.15 3.58
N ASP A 364 -10.16 -28.68 4.83
CA ASP A 364 -10.85 -29.32 5.92
C ASP A 364 -12.29 -28.82 5.89
N GLU A 365 -13.23 -29.77 5.68
CA GLU A 365 -14.65 -29.52 5.47
C GLU A 365 -15.31 -29.01 6.76
N THR A 366 -14.73 -29.41 7.89
CA THR A 366 -15.04 -28.80 9.16
C THR A 366 -15.04 -27.27 9.11
N VAL A 367 -14.32 -26.65 8.15
CA VAL A 367 -14.19 -25.17 8.16
C VAL A 367 -14.45 -24.59 6.75
N PHE A 368 -14.14 -25.35 5.70
CA PHE A 368 -14.30 -24.91 4.34
C PHE A 368 -15.33 -25.78 3.62
N GLU A 369 -16.58 -25.30 3.59
CA GLU A 369 -17.67 -25.94 2.87
C GLU A 369 -17.31 -25.96 1.38
N ASN A 370 -17.47 -27.12 0.72
CA ASN A 370 -17.22 -27.30 -0.74
C ASN A 370 -15.78 -26.88 -1.04
N PRO A 371 -14.78 -27.54 -0.42
CA PRO A 371 -13.46 -26.94 -0.23
C PRO A 371 -12.66 -26.85 -1.54
N ASP A 372 -12.80 -27.86 -2.40
CA ASP A 372 -12.01 -27.93 -3.65
C ASP A 372 -12.49 -26.90 -4.69
N LYS A 373 -13.60 -26.20 -4.41
CA LYS A 373 -14.12 -25.13 -5.25
C LYS A 373 -13.47 -23.80 -4.82
N LEU A 374 -12.93 -23.05 -5.79
CA LEU A 374 -12.43 -21.69 -5.57
C LEU A 374 -13.63 -20.75 -5.47
N MET A 375 -13.90 -20.24 -4.27
CA MET A 375 -15.08 -19.42 -4.05
C MET A 375 -14.66 -18.04 -3.56
N VAL A 376 -14.17 -17.23 -4.49
CA VAL A 376 -13.59 -15.91 -4.30
C VAL A 376 -14.30 -15.14 -3.18
N ASP A 377 -15.63 -15.24 -3.11
CA ASP A 377 -16.45 -14.52 -2.14
C ASP A 377 -16.58 -15.30 -0.84
N ARG A 378 -15.87 -16.43 -0.70
CA ARG A 378 -16.11 -17.36 0.41
C ARG A 378 -15.93 -16.57 1.70
N PRO A 379 -16.90 -16.55 2.62
CA PRO A 379 -16.88 -15.57 3.71
C PRO A 379 -15.84 -15.81 4.82
N ASN A 380 -15.28 -17.04 4.94
CA ASN A 380 -14.25 -17.30 5.98
C ASN A 380 -12.87 -17.61 5.37
N ALA A 381 -12.71 -17.36 4.07
CA ALA A 381 -11.41 -17.44 3.39
C ALA A 381 -10.25 -17.20 4.37
N ARG A 382 -10.37 -16.13 5.17
CA ARG A 382 -9.33 -15.61 6.10
C ARG A 382 -8.71 -16.71 6.98
N ARG A 383 -9.49 -17.74 7.29
CA ARG A 383 -9.17 -18.65 8.37
C ARG A 383 -8.37 -19.83 7.83
N HIS A 384 -7.83 -19.72 6.61
CA HIS A 384 -6.87 -20.70 6.04
C HIS A 384 -5.61 -20.75 6.89
N LEU A 385 -4.71 -21.72 6.63
CA LEU A 385 -3.43 -21.82 7.36
C LEU A 385 -2.21 -21.74 6.43
N SER A 386 -2.27 -21.01 5.32
CA SER A 386 -1.11 -20.98 4.40
C SER A 386 0.07 -20.19 4.98
N PHE A 387 -0.19 -19.31 5.95
CA PHE A 387 0.82 -18.58 6.72
C PHE A 387 1.16 -19.24 8.06
N GLY A 388 0.68 -20.46 8.30
CA GLY A 388 0.78 -21.07 9.61
C GLY A 388 -0.19 -20.43 10.61
N HIS A 389 0.20 -20.47 11.89
CA HIS A 389 -0.61 -20.15 13.06
C HIS A 389 0.28 -20.01 14.29
N GLY A 390 -0.02 -19.06 15.18
CA GLY A 390 0.68 -18.97 16.43
C GLY A 390 1.88 -18.04 16.32
N ILE A 391 2.93 -18.33 17.10
CA ILE A 391 4.01 -17.33 17.34
C ILE A 391 4.86 -17.18 16.07
N HIS A 392 5.00 -18.26 15.31
CA HIS A 392 5.78 -18.26 14.09
C HIS A 392 4.94 -17.85 12.87
N ARG A 393 3.71 -17.37 13.06
CA ARG A 393 2.84 -17.15 11.92
C ARG A 393 3.46 -16.08 11.01
N CYS A 394 3.28 -16.23 9.70
CA CYS A 394 4.05 -15.48 8.72
C CYS A 394 4.16 -14.02 9.11
N VAL A 395 5.41 -13.56 9.26
CA VAL A 395 5.68 -12.22 9.67
C VAL A 395 5.46 -11.30 8.46
N GLY A 396 5.29 -11.91 7.27
CA GLY A 396 5.20 -11.19 6.01
C GLY A 396 3.78 -11.13 5.45
N ALA A 397 2.85 -11.87 6.05
CA ALA A 397 1.53 -12.08 5.44
C ALA A 397 1.05 -10.79 4.82
N ARG A 398 1.07 -9.70 5.60
CA ARG A 398 0.55 -8.41 5.17
C ARG A 398 1.25 -7.92 3.89
N LEU A 399 2.56 -8.12 3.81
CA LEU A 399 3.23 -7.65 2.65
C LEU A 399 2.78 -8.48 1.44
N ALA A 400 2.63 -9.79 1.61
CA ALA A 400 2.24 -10.61 0.50
C ALA A 400 0.91 -10.05 0.02
N GLU A 401 -0.02 -9.90 0.97
CA GLU A 401 -1.41 -9.54 0.70
C GLU A 401 -1.39 -8.26 -0.16
N LEU A 402 -0.54 -7.30 0.20
CA LEU A 402 -0.38 -6.05 -0.58
C LEU A 402 -0.04 -6.40 -2.04
N GLN A 403 1.21 -6.82 -2.29
CA GLN A 403 1.70 -7.25 -3.58
C GLN A 403 0.57 -7.89 -4.41
N LEU A 404 -0.17 -8.83 -3.82
CA LEU A 404 -1.22 -9.64 -4.51
C LEU A 404 -2.49 -8.83 -4.76
N ARG A 405 -2.88 -7.99 -3.79
CA ARG A 405 -4.02 -7.09 -3.94
C ARG A 405 -3.72 -6.14 -5.11
N ILE A 406 -2.61 -5.40 -4.98
CA ILE A 406 -2.16 -4.40 -5.94
C ILE A 406 -2.11 -5.00 -7.34
N LEU A 407 -1.58 -6.21 -7.47
CA LEU A 407 -1.54 -6.88 -8.75
C LEU A 407 -2.99 -7.04 -9.24
N LEU A 408 -3.81 -7.77 -8.48
CA LEU A 408 -5.19 -8.02 -8.90
C LEU A 408 -5.87 -6.70 -9.29
N GLU A 409 -5.42 -5.58 -8.71
CA GLU A 409 -6.09 -4.30 -8.87
C GLU A 409 -5.70 -3.66 -10.22
N GLU A 410 -4.41 -3.46 -10.51
CA GLU A 410 -4.04 -2.71 -11.74
C GLU A 410 -4.12 -3.69 -12.92
N MET A 411 -4.35 -4.98 -12.64
CA MET A 411 -4.77 -5.97 -13.68
C MET A 411 -6.18 -5.61 -14.16
N HIS A 412 -7.09 -5.41 -13.20
CA HIS A 412 -8.53 -5.23 -13.47
C HIS A 412 -8.84 -3.79 -13.96
N GLU A 413 -7.87 -2.87 -13.81
CA GLU A 413 -7.86 -1.55 -14.46
C GLU A 413 -7.64 -1.77 -15.97
N ARG A 414 -6.73 -2.68 -16.32
CA ARG A 414 -6.43 -2.95 -17.71
C ARG A 414 -7.42 -3.98 -18.28
N ARG A 415 -8.42 -4.37 -17.47
CA ARG A 415 -9.39 -5.37 -17.90
C ARG A 415 -8.65 -6.56 -18.53
N MET A 416 -7.57 -7.01 -17.87
CA MET A 416 -6.81 -8.19 -18.31
C MET A 416 -7.64 -9.42 -17.98
N ARG A 417 -7.50 -10.43 -18.83
CA ARG A 417 -7.95 -11.78 -18.60
C ARG A 417 -6.78 -12.63 -19.08
N VAL A 418 -6.32 -13.54 -18.22
CA VAL A 418 -5.17 -14.35 -18.45
C VAL A 418 -5.64 -15.77 -18.77
N ARG A 419 -5.33 -16.21 -19.99
CA ARG A 419 -5.64 -17.55 -20.43
C ARG A 419 -4.36 -18.37 -20.37
N VAL A 420 -4.41 -19.53 -19.72
CA VAL A 420 -3.27 -20.44 -19.64
C VAL A 420 -3.16 -21.08 -21.02
N ALA A 421 -2.00 -20.90 -21.65
CA ALA A 421 -1.83 -21.35 -23.03
C ALA A 421 -0.94 -22.59 -23.11
N GLY A 422 0.38 -22.39 -22.95
CA GLY A 422 1.38 -23.37 -23.33
C GLY A 422 1.64 -24.38 -22.24
N GLU A 423 2.92 -24.69 -22.01
CA GLU A 423 3.29 -25.68 -21.01
C GLU A 423 3.06 -25.08 -19.59
N VAL A 424 2.78 -25.97 -18.64
CA VAL A 424 2.50 -25.64 -17.25
C VAL A 424 3.24 -26.64 -16.34
N GLU A 425 4.33 -26.18 -15.71
CA GLU A 425 5.16 -27.02 -14.85
C GLU A 425 4.97 -26.64 -13.38
N ARG A 426 4.43 -27.56 -12.58
CA ARG A 426 4.39 -27.45 -11.12
C ARG A 426 5.77 -27.83 -10.56
N VAL A 427 6.11 -27.28 -9.39
CA VAL A 427 7.38 -27.51 -8.73
C VAL A 427 7.34 -28.94 -8.16
N ARG A 428 8.45 -29.65 -8.36
CA ARG A 428 8.63 -31.04 -7.94
C ARG A 428 9.09 -31.02 -6.49
N ALA A 429 8.16 -31.16 -5.57
CA ALA A 429 8.46 -30.96 -4.19
C ALA A 429 7.28 -31.44 -3.35
N ASN A 430 7.54 -31.65 -2.05
CA ASN A 430 6.50 -31.87 -1.05
C ASN A 430 6.43 -30.65 -0.11
N PHE A 431 7.40 -29.73 -0.20
CA PHE A 431 7.45 -28.50 0.58
C PHE A 431 6.91 -27.35 -0.28
N VAL A 432 7.75 -26.80 -1.17
CA VAL A 432 7.26 -25.73 -2.01
C VAL A 432 6.17 -26.31 -2.93
N HIS A 433 5.17 -25.50 -3.24
CA HIS A 433 3.99 -25.94 -3.94
C HIS A 433 3.56 -24.80 -4.86
N GLY A 434 3.74 -25.01 -6.17
CA GLY A 434 3.45 -24.01 -7.20
C GLY A 434 4.15 -24.33 -8.50
N PHE A 435 4.57 -23.30 -9.23
CA PHE A 435 4.92 -23.45 -10.63
C PHE A 435 6.37 -23.02 -10.90
N ARG A 436 7.01 -23.80 -11.78
CA ARG A 436 8.27 -23.42 -12.39
C ARG A 436 7.97 -22.56 -13.62
N LYS A 437 6.92 -22.90 -14.38
CA LYS A 437 6.61 -22.24 -15.65
C LYS A 437 5.11 -22.38 -15.95
N LEU A 438 4.53 -21.31 -16.50
CA LEU A 438 3.09 -21.21 -16.73
C LEU A 438 2.86 -20.25 -17.89
N GLU A 439 2.75 -20.79 -19.11
CA GLU A 439 2.64 -19.96 -20.30
C GLU A 439 1.18 -19.51 -20.44
N VAL A 440 0.99 -18.25 -20.90
CA VAL A 440 -0.29 -17.55 -20.90
C VAL A 440 -0.38 -16.56 -22.07
N GLU A 441 -1.62 -16.22 -22.43
CA GLU A 441 -2.10 -15.18 -23.38
C GLU A 441 -3.11 -14.26 -22.67
N LEU A 442 -3.39 -13.06 -23.21
CA LEU A 442 -4.20 -12.02 -22.53
C LEU A 442 -5.56 -11.78 -23.23
N GLU A 443 -6.42 -10.94 -22.62
CA GLU A 443 -7.78 -10.61 -23.12
C GLU A 443 -7.70 -10.25 -24.61
N SER B 39 -9.30 53.91 0.67
CA SER B 39 -8.15 53.04 0.26
C SER B 39 -8.59 52.05 -0.84
N HIS B 40 -8.90 52.58 -2.03
CA HIS B 40 -9.23 51.79 -3.23
C HIS B 40 -8.03 51.02 -3.77
N PRO B 41 -6.75 51.45 -3.60
CA PRO B 41 -5.59 50.68 -4.04
C PRO B 41 -5.35 49.32 -3.34
N TRP B 42 -5.80 49.17 -2.10
CA TRP B 42 -5.71 47.91 -1.36
C TRP B 42 -7.09 47.25 -1.20
N ASP B 43 -8.10 47.74 -1.93
CA ASP B 43 -9.31 46.98 -2.14
C ASP B 43 -8.89 45.80 -3.03
N VAL B 44 -9.16 44.58 -2.55
CA VAL B 44 -8.71 43.37 -3.22
C VAL B 44 -9.89 42.43 -3.43
N SER B 45 -11.10 43.02 -3.57
CA SER B 45 -12.35 42.28 -3.86
C SER B 45 -12.69 42.34 -5.36
N ARG B 46 -12.12 43.32 -6.07
CA ARG B 46 -12.11 43.32 -7.55
C ARG B 46 -11.64 41.93 -8.02
N SER B 47 -12.53 41.24 -8.74
CA SER B 47 -12.20 39.96 -9.34
C SER B 47 -11.08 40.12 -10.38
N ASP B 48 -10.88 41.36 -10.86
CA ASP B 48 -9.91 41.67 -11.94
C ASP B 48 -8.59 40.91 -11.71
N ILE B 49 -7.95 41.19 -10.57
CA ILE B 49 -6.56 40.77 -10.26
C ILE B 49 -6.46 39.25 -10.13
N TYR B 50 -7.59 38.55 -10.01
CA TYR B 50 -7.60 37.08 -9.83
C TYR B 50 -7.73 36.41 -11.20
N VAL B 51 -8.66 36.89 -12.03
CA VAL B 51 -8.86 36.39 -13.42
C VAL B 51 -7.61 36.70 -14.26
N GLU B 52 -7.03 37.90 -14.04
CA GLU B 52 -5.84 38.40 -14.77
C GLU B 52 -4.58 37.75 -14.20
N ASP B 53 -4.60 37.48 -12.88
CA ASP B 53 -3.50 36.83 -12.14
C ASP B 53 -2.39 37.87 -11.92
N ARG B 54 -2.72 38.96 -11.21
CA ARG B 54 -1.75 40.00 -10.90
C ARG B 54 -1.91 40.50 -9.46
N TRP B 55 -2.28 39.58 -8.55
CA TRP B 55 -2.60 39.90 -7.15
C TRP B 55 -1.35 39.83 -6.27
N GLN B 56 -0.32 39.13 -6.77
CA GLN B 56 0.98 38.87 -6.09
C GLN B 56 1.56 40.16 -5.52
N PRO B 57 1.94 41.16 -6.35
CA PRO B 57 2.63 42.35 -5.86
C PRO B 57 1.74 43.21 -4.94
N ILE B 58 0.41 43.02 -5.04
CA ILE B 58 -0.51 43.80 -4.22
C ILE B 58 -0.46 43.28 -2.78
N PHE B 59 -0.61 41.97 -2.62
CA PHE B 59 -0.58 41.32 -1.30
C PHE B 59 0.84 41.31 -0.72
N ALA B 60 1.86 41.30 -1.60
CA ALA B 60 3.28 41.39 -1.19
C ALA B 60 3.58 42.77 -0.60
N GLU B 61 2.81 43.79 -1.02
CA GLU B 61 2.86 45.12 -0.44
C GLU B 61 2.26 45.07 0.98
N MET B 62 0.98 44.68 1.06
CA MET B 62 0.28 44.53 2.33
C MET B 62 1.15 43.76 3.32
N ARG B 63 1.80 42.68 2.85
CA ARG B 63 2.55 41.76 3.72
C ARG B 63 3.78 42.42 4.34
N ALA B 64 4.44 43.33 3.62
CA ALA B 64 5.62 44.04 4.15
C ALA B 64 5.17 45.22 5.01
N LYS B 65 4.26 46.04 4.48
CA LYS B 65 3.93 47.35 5.07
C LYS B 65 2.93 47.19 6.22
N ALA B 66 1.76 46.59 5.93
CA ALA B 66 0.61 46.65 6.84
C ALA B 66 -0.27 45.41 6.65
N PRO B 67 0.21 44.22 7.08
CA PRO B 67 -0.50 42.97 6.82
C PRO B 67 -2.00 43.14 7.10
N VAL B 68 -2.30 43.73 8.25
CA VAL B 68 -3.64 44.14 8.60
C VAL B 68 -3.78 45.63 8.27
N ASN B 69 -4.85 45.97 7.55
CA ASN B 69 -5.17 47.33 7.16
C ASN B 69 -6.66 47.39 6.81
N ARG B 70 -7.25 48.59 6.97
CA ARG B 70 -8.68 48.79 6.72
C ARG B 70 -8.90 49.31 5.30
N VAL B 71 -9.96 48.82 4.65
CA VAL B 71 -10.44 49.27 3.33
C VAL B 71 -11.76 50.02 3.52
N PRO B 72 -11.73 51.36 3.66
CA PRO B 72 -12.92 52.13 4.07
C PRO B 72 -14.22 51.92 3.26
N ASP B 73 -14.14 51.62 1.95
CA ASP B 73 -15.36 51.47 1.14
C ASP B 73 -15.06 50.70 -0.15
N SER B 74 -16.02 49.86 -0.56
CA SER B 74 -15.92 48.95 -1.70
C SER B 74 -17.31 48.40 -2.04
N PRO B 75 -17.50 47.77 -3.22
CA PRO B 75 -18.72 47.01 -3.52
C PRO B 75 -19.24 46.01 -2.47
N TYR B 76 -18.52 45.85 -1.33
CA TYR B 76 -18.90 44.95 -0.23
C TYR B 76 -19.03 45.73 1.09
N GLY B 77 -18.88 47.06 1.02
CA GLY B 77 -18.71 47.91 2.18
C GLY B 77 -17.27 47.93 2.64
N ALA B 78 -17.04 48.53 3.82
CA ALA B 78 -15.73 48.57 4.47
C ALA B 78 -15.39 47.17 5.00
N TYR B 79 -14.09 46.87 5.04
CA TYR B 79 -13.57 45.60 5.54
C TYR B 79 -12.07 45.75 5.85
N TRP B 80 -11.55 44.77 6.59
CA TRP B 80 -10.15 44.71 6.97
C TRP B 80 -9.44 43.58 6.20
N ASN B 81 -8.17 43.84 5.86
CA ASN B 81 -7.30 42.87 5.24
C ASN B 81 -6.45 42.23 6.34
N VAL B 82 -6.33 40.91 6.28
CA VAL B 82 -5.47 40.11 7.15
C VAL B 82 -4.68 39.15 6.25
N ALA B 83 -3.47 39.57 5.87
CA ALA B 83 -2.76 39.06 4.69
C ALA B 83 -1.60 38.12 5.04
N SER B 84 -1.05 38.24 6.26
CA SER B 84 0.06 37.41 6.69
C SER B 84 -0.46 36.05 7.18
N HIS B 85 0.49 35.13 7.37
CA HIS B 85 0.23 33.75 7.78
C HIS B 85 -0.35 33.72 9.20
N LYS B 86 0.45 34.16 10.18
CA LYS B 86 0.15 33.95 11.62
C LYS B 86 -1.11 34.74 11.98
N ALA B 87 -1.22 35.95 11.43
CA ALA B 87 -2.43 36.77 11.53
C ALA B 87 -3.67 35.93 11.15
N ILE B 88 -3.52 35.08 10.13
CA ILE B 88 -4.64 34.32 9.61
C ILE B 88 -4.96 33.14 10.53
N MET B 89 -3.95 32.62 11.23
CA MET B 89 -4.10 31.50 12.16
C MET B 89 -4.65 31.98 13.52
N HIS B 90 -4.11 33.12 13.99
CA HIS B 90 -4.49 33.78 15.25
C HIS B 90 -5.98 34.08 15.26
N VAL B 91 -6.50 34.56 14.12
CA VAL B 91 -7.89 35.02 13.96
C VAL B 91 -8.84 33.82 13.96
N GLU B 92 -8.45 32.74 13.28
CA GLU B 92 -9.31 31.56 13.11
C GLU B 92 -9.40 30.83 14.45
N SER B 93 -8.32 30.97 15.26
CA SER B 93 -8.18 30.38 16.58
C SER B 93 -8.93 31.21 17.64
N LEU B 94 -10.09 31.76 17.28
CA LEU B 94 -10.91 32.61 18.15
C LEU B 94 -12.34 32.64 17.63
N PRO B 95 -12.90 31.47 17.24
CA PRO B 95 -14.17 31.42 16.50
C PRO B 95 -15.33 32.18 17.13
N GLU B 96 -15.47 32.09 18.46
CA GLU B 96 -16.59 32.71 19.18
C GLU B 96 -16.49 34.24 19.13
N LEU B 97 -15.25 34.79 19.24
CA LEU B 97 -15.02 36.23 19.05
C LEU B 97 -15.34 36.59 17.60
N PHE B 98 -14.42 36.24 16.69
CA PHE B 98 -14.57 36.49 15.25
C PHE B 98 -15.62 35.52 14.69
N SER B 99 -16.87 35.99 14.65
CA SER B 99 -18.04 35.19 14.36
C SER B 99 -18.07 34.79 12.87
N SER B 100 -18.81 33.71 12.58
CA SER B 100 -19.16 33.29 11.24
C SER B 100 -20.66 32.95 11.19
N SER B 101 -21.46 33.59 12.06
CA SER B 101 -22.91 33.33 12.15
C SER B 101 -23.68 34.09 11.06
N TRP B 102 -24.00 33.36 9.98
CA TRP B 102 -24.90 33.77 8.89
C TRP B 102 -25.72 35.02 9.27
N GLY B 105 -22.75 38.23 9.21
CA GLY B 105 -22.92 38.28 7.76
C GLY B 105 -22.87 36.89 7.13
N GLY B 106 -21.96 36.03 7.62
CA GLY B 106 -21.80 34.63 7.12
C GLY B 106 -20.34 34.22 7.01
N ILE B 107 -20.04 33.37 6.01
CA ILE B 107 -18.67 33.08 5.60
C ILE B 107 -18.49 33.41 4.09
N THR B 108 -19.08 34.52 3.59
CA THR B 108 -18.69 35.15 2.24
C THR B 108 -18.77 36.70 2.30
N ILE B 109 -17.75 37.39 1.72
CA ILE B 109 -17.47 38.87 1.87
C ILE B 109 -18.74 39.67 1.54
N GLY B 110 -19.63 39.09 0.71
CA GLY B 110 -21.01 39.56 0.53
C GLY B 110 -21.79 39.51 1.85
N MET B 128 -25.94 26.47 7.54
CA MET B 128 -24.78 25.63 7.25
C MET B 128 -23.73 25.80 8.35
N PHE B 129 -23.15 24.67 8.79
CA PHE B 129 -22.38 24.62 10.06
C PHE B 129 -21.02 25.32 9.95
N ILE B 130 -20.53 25.53 8.72
CA ILE B 130 -19.35 26.36 8.43
C ILE B 130 -19.61 27.81 8.90
N ALA B 131 -20.88 28.24 8.78
CA ALA B 131 -21.37 29.55 9.23
C ALA B 131 -22.13 29.42 10.55
N MET B 132 -21.49 28.76 11.54
CA MET B 132 -21.95 28.69 12.92
C MET B 132 -20.74 28.90 13.84
N ASP B 133 -21.04 29.14 15.12
CA ASP B 133 -20.04 29.13 16.18
C ASP B 133 -20.36 27.94 17.09
N ARG B 134 -19.58 27.80 18.17
CA ARG B 134 -19.76 26.73 19.15
C ARG B 134 -20.90 27.15 20.09
N PRO B 135 -21.71 26.20 20.59
CA PRO B 135 -21.53 24.75 20.49
C PRO B 135 -22.33 24.02 19.40
N ASP B 136 -22.99 24.77 18.52
CA ASP B 136 -23.87 24.23 17.48
C ASP B 136 -23.02 23.68 16.31
N HIS B 137 -21.94 24.41 15.96
CA HIS B 137 -21.00 23.99 14.91
C HIS B 137 -20.42 22.60 15.24
N THR B 138 -19.79 22.51 16.42
CA THR B 138 -19.14 21.31 16.91
C THR B 138 -20.10 20.11 16.84
N GLY B 139 -21.41 20.35 17.01
CA GLY B 139 -22.42 19.30 16.91
C GLY B 139 -22.58 18.74 15.51
N GLN B 140 -22.46 19.63 14.50
CA GLN B 140 -22.78 19.33 13.10
C GLN B 140 -21.56 18.77 12.35
N ARG B 141 -20.37 19.22 12.77
CA ARG B 141 -19.09 18.71 12.26
C ARG B 141 -18.88 17.27 12.74
N ARG B 142 -19.34 16.97 13.96
CA ARG B 142 -19.17 15.66 14.61
C ARG B 142 -20.00 14.58 13.91
N THR B 143 -21.11 14.95 13.27
CA THR B 143 -21.98 13.98 12.60
C THR B 143 -21.34 13.53 11.28
N VAL B 144 -20.82 14.50 10.51
CA VAL B 144 -20.28 14.23 9.14
C VAL B 144 -18.90 13.57 9.22
N ALA B 145 -18.05 14.02 10.15
CA ALA B 145 -16.57 13.81 10.16
C ALA B 145 -16.16 12.32 10.19
N PRO B 146 -17.01 11.36 10.65
CA PRO B 146 -16.68 9.95 10.53
C PRO B 146 -16.61 9.42 9.09
N ALA B 147 -17.12 10.20 8.12
CA ALA B 147 -16.95 9.92 6.70
C ALA B 147 -15.54 10.27 6.22
N PHE B 148 -14.72 10.89 7.09
CA PHE B 148 -13.37 11.40 6.74
C PHE B 148 -12.32 10.99 7.78
N THR B 149 -12.54 9.84 8.45
CA THR B 149 -11.49 9.16 9.24
C THR B 149 -10.46 8.62 8.25
N PRO B 150 -9.14 8.61 8.60
CA PRO B 150 -8.13 7.87 7.83
C PRO B 150 -8.51 6.44 7.45
N ALA B 151 -9.30 5.77 8.30
CA ALA B 151 -9.77 4.40 8.10
C ALA B 151 -10.67 4.29 6.85
N LYS B 152 -11.63 5.20 6.73
CA LYS B 152 -12.67 5.15 5.69
C LYS B 152 -12.07 5.55 4.34
N MET B 153 -10.97 6.31 4.39
CA MET B 153 -10.20 6.66 3.20
C MET B 153 -9.57 5.39 2.60
N VAL B 154 -9.15 4.43 3.46
CA VAL B 154 -8.60 3.14 2.98
C VAL B 154 -9.77 2.26 2.49
N GLU B 155 -10.91 2.36 3.20
CA GLU B 155 -12.18 1.74 2.81
C GLU B 155 -12.67 2.25 1.44
N MET B 156 -12.43 3.54 1.12
CA MET B 156 -12.93 4.17 -0.14
C MET B 156 -11.89 4.12 -1.27
N GLU B 157 -10.58 4.06 -0.95
CA GLU B 157 -9.48 4.16 -1.92
C GLU B 157 -9.83 3.36 -3.19
N ALA B 158 -9.85 2.03 -3.10
CA ALA B 158 -9.99 1.17 -4.29
C ALA B 158 -11.00 1.75 -5.31
N GLU B 159 -12.17 2.22 -4.85
CA GLU B 159 -13.24 2.69 -5.76
C GLU B 159 -12.84 4.01 -6.45
N ILE B 160 -12.27 4.94 -5.68
CA ILE B 160 -11.73 6.18 -6.24
C ILE B 160 -10.75 5.85 -7.38
N ARG B 161 -9.87 4.86 -7.17
CA ARG B 161 -8.84 4.51 -8.15
C ARG B 161 -9.50 3.99 -9.43
N ARG B 162 -10.42 3.02 -9.32
CA ARG B 162 -11.03 2.44 -10.52
C ARG B 162 -11.59 3.59 -11.39
N ARG B 163 -12.51 4.37 -10.82
CA ARG B 163 -13.14 5.49 -11.53
C ARG B 163 -12.06 6.35 -12.18
N THR B 164 -11.19 6.93 -11.34
CA THR B 164 -10.09 7.77 -11.77
C THR B 164 -9.43 7.19 -13.03
N ALA B 165 -9.11 5.90 -12.97
CA ALA B 165 -8.36 5.20 -14.02
C ALA B 165 -9.20 5.09 -15.29
N SER B 166 -10.47 4.68 -15.12
CA SER B 166 -11.45 4.55 -16.19
C SER B 166 -11.53 5.84 -17.01
N VAL B 167 -11.87 6.93 -16.30
CA VAL B 167 -11.99 8.32 -16.77
C VAL B 167 -10.72 8.75 -17.50
N LEU B 168 -9.59 8.51 -16.84
CA LEU B 168 -8.27 8.89 -17.30
C LEU B 168 -7.90 8.04 -18.51
N ASP B 169 -8.45 6.82 -18.59
CA ASP B 169 -8.17 5.85 -19.68
C ASP B 169 -9.01 6.16 -20.93
N SER B 170 -10.13 6.86 -20.77
CA SER B 170 -11.03 7.22 -21.88
C SER B 170 -10.54 8.46 -22.66
N LEU B 171 -9.63 9.25 -22.08
CA LEU B 171 -9.08 10.48 -22.69
C LEU B 171 -8.33 10.19 -23.99
N PRO B 172 -8.21 11.16 -24.91
CA PRO B 172 -7.46 10.98 -26.16
C PRO B 172 -6.07 11.66 -26.21
N TRP B 173 -5.03 10.84 -26.41
CA TRP B 173 -3.66 11.31 -26.54
C TRP B 173 -3.44 11.87 -27.95
N GLY B 174 -3.13 13.18 -28.04
CA GLY B 174 -2.89 13.84 -29.32
C GLY B 174 -3.89 14.96 -29.58
N GLU B 175 -5.18 14.68 -29.32
CA GLU B 175 -6.27 15.69 -29.43
C GLU B 175 -6.09 16.81 -28.40
N ARG B 176 -6.76 17.93 -28.67
CA ARG B 176 -7.02 18.97 -27.71
C ARG B 176 -8.39 18.70 -27.11
N PHE B 177 -8.59 19.08 -25.85
CA PHE B 177 -9.89 18.99 -25.17
C PHE B 177 -9.87 19.82 -23.88
N ASP B 178 -11.06 20.00 -23.28
CA ASP B 178 -11.16 20.68 -21.99
C ASP B 178 -11.03 19.67 -20.85
N TRP B 179 -10.02 19.92 -20.01
CA TRP B 179 -9.63 19.11 -18.88
C TRP B 179 -10.65 19.27 -17.74
N VAL B 180 -11.13 20.51 -17.53
CA VAL B 180 -12.12 20.77 -16.47
C VAL B 180 -13.35 19.91 -16.76
N ASP B 181 -13.83 19.93 -18.01
CA ASP B 181 -15.05 19.25 -18.36
C ASP B 181 -14.83 17.74 -18.34
N LYS B 182 -13.81 17.27 -19.05
CA LYS B 182 -13.59 15.83 -19.35
C LYS B 182 -12.79 15.12 -18.24
N VAL B 183 -12.23 15.83 -17.25
CA VAL B 183 -11.40 15.24 -16.13
C VAL B 183 -11.75 15.90 -14.78
N SER B 184 -11.40 17.18 -14.62
CA SER B 184 -11.32 17.80 -13.30
C SER B 184 -12.70 17.96 -12.63
N ILE B 185 -13.79 18.00 -13.42
CA ILE B 185 -15.17 17.98 -12.91
C ILE B 185 -15.61 16.53 -12.73
N GLU B 186 -15.36 15.74 -13.79
CA GLU B 186 -15.96 14.40 -14.02
C GLU B 186 -15.65 13.46 -12.85
N LEU B 187 -14.47 13.65 -12.27
CA LEU B 187 -14.03 12.94 -11.07
C LEU B 187 -14.70 13.56 -9.86
N THR B 188 -14.59 14.89 -9.75
CA THR B 188 -14.94 15.65 -8.56
C THR B 188 -16.39 15.34 -8.13
N THR B 189 -17.28 15.18 -9.12
CA THR B 189 -18.70 14.85 -8.90
C THR B 189 -18.88 13.34 -8.77
N GLY B 190 -18.03 12.58 -9.47
CA GLY B 190 -17.94 11.12 -9.35
C GLY B 190 -17.42 10.68 -8.00
N MET B 191 -16.52 11.48 -7.41
CA MET B 191 -15.98 11.24 -6.06
C MET B 191 -17.01 11.66 -5.02
N LEU B 192 -17.93 12.54 -5.42
CA LEU B 192 -19.00 13.07 -4.60
C LEU B 192 -20.29 12.27 -4.83
N ALA B 193 -20.26 11.34 -5.79
CA ALA B 193 -21.39 10.46 -6.14
C ALA B 193 -21.60 9.37 -5.09
N ILE B 194 -20.83 9.44 -4.00
CA ILE B 194 -20.85 8.46 -2.90
C ILE B 194 -21.74 8.99 -1.76
N LEU B 195 -21.65 10.31 -1.53
CA LEU B 195 -22.09 10.97 -0.30
C LEU B 195 -23.26 11.89 -0.65
N GLY B 275 -29.25 25.19 4.02
CA GLY B 275 -27.89 25.67 3.88
C GLY B 275 -26.87 24.53 3.90
N ASN B 276 -27.16 23.49 4.68
CA ASN B 276 -26.19 22.42 5.03
C ASN B 276 -25.96 21.44 3.87
N LEU B 277 -26.91 21.35 2.93
CA LEU B 277 -26.72 20.59 1.69
C LEU B 277 -25.68 21.30 0.82
N VAL B 278 -25.85 22.62 0.63
CA VAL B 278 -24.96 23.48 -0.17
C VAL B 278 -23.51 23.37 0.35
N LEU B 279 -23.33 23.20 1.67
CA LEU B 279 -21.99 23.11 2.28
C LEU B 279 -21.25 21.89 1.72
N LEU B 280 -21.96 20.76 1.67
CA LEU B 280 -21.35 19.45 1.45
C LEU B 280 -21.09 19.23 -0.06
N ILE B 281 -22.09 19.56 -0.89
CA ILE B 281 -21.97 19.51 -2.34
C ILE B 281 -20.77 20.38 -2.76
N VAL B 282 -20.76 21.65 -2.32
CA VAL B 282 -19.84 22.70 -2.81
C VAL B 282 -18.46 22.54 -2.15
N GLY B 283 -18.45 22.48 -0.82
CA GLY B 283 -17.24 22.20 -0.04
C GLY B 283 -16.32 21.21 -0.74
N GLY B 284 -16.91 20.19 -1.38
CA GLY B 284 -16.18 19.12 -2.07
C GLY B 284 -16.11 19.25 -3.58
N ASN B 285 -17.17 19.78 -4.21
CA ASN B 285 -17.30 19.78 -5.66
C ASN B 285 -16.33 20.78 -6.28
N ASP B 286 -16.38 22.04 -5.84
CA ASP B 286 -15.73 23.17 -6.52
C ASP B 286 -14.25 23.24 -6.16
N THR B 287 -13.91 23.04 -4.88
CA THR B 287 -12.54 23.24 -4.38
C THR B 287 -11.61 22.16 -4.95
N THR B 288 -12.08 20.92 -5.07
CA THR B 288 -11.27 19.82 -5.61
C THR B 288 -11.27 19.89 -7.14
N ARG B 289 -12.30 20.53 -7.71
CA ARG B 289 -12.39 20.74 -9.15
C ARG B 289 -11.24 21.64 -9.62
N ASN B 290 -11.11 22.76 -8.91
CA ASN B 290 -10.14 23.76 -9.25
C ASN B 290 -8.75 23.15 -9.05
N THR B 291 -8.52 22.56 -7.87
CA THR B 291 -7.22 22.02 -7.53
C THR B 291 -6.71 21.10 -8.64
N MET B 292 -7.58 20.22 -9.11
CA MET B 292 -7.24 19.27 -10.15
C MET B 292 -6.85 20.01 -11.44
N SER B 293 -7.54 21.12 -11.73
CA SER B 293 -7.24 21.97 -12.88
C SER B 293 -5.95 22.77 -12.64
N GLY B 294 -5.82 23.36 -11.45
CA GLY B 294 -4.65 24.12 -11.07
C GLY B 294 -3.36 23.33 -11.27
N ILE B 295 -3.41 22.04 -10.93
CA ILE B 295 -2.22 21.18 -10.94
C ILE B 295 -1.61 21.15 -12.35
N VAL B 296 -2.42 20.78 -13.36
CA VAL B 296 -1.88 20.65 -14.73
C VAL B 296 -1.44 22.03 -15.24
N HIS B 297 -1.98 23.10 -14.64
CA HIS B 297 -1.54 24.45 -14.97
C HIS B 297 -0.23 24.77 -14.25
N ALA B 298 -0.09 24.34 -13.00
CA ALA B 298 1.13 24.67 -12.25
C ALA B 298 2.30 23.85 -12.84
N LEU B 299 2.04 22.59 -13.19
CA LEU B 299 3.06 21.72 -13.68
C LEU B 299 3.46 22.16 -15.10
N ASP B 300 2.47 22.61 -15.89
CA ASP B 300 2.77 23.14 -17.20
C ASP B 300 3.58 24.42 -17.04
N LYS B 301 3.13 25.28 -16.12
CA LYS B 301 3.84 26.48 -15.79
C LYS B 301 5.29 26.13 -15.40
N PHE B 302 5.47 25.07 -14.59
CA PHE B 302 6.77 24.78 -13.99
C PHE B 302 7.28 23.43 -14.43
N PRO B 303 7.71 23.24 -15.69
CA PRO B 303 8.22 21.97 -16.17
C PRO B 303 9.46 21.48 -15.40
N ASP B 304 10.12 22.38 -14.67
CA ASP B 304 11.13 22.00 -13.69
C ASP B 304 10.56 20.92 -12.75
N GLN B 305 9.35 21.14 -12.22
CA GLN B 305 8.81 20.27 -11.16
C GLN B 305 8.14 19.02 -11.75
N ARG B 306 7.50 19.17 -12.91
CA ARG B 306 6.82 18.05 -13.55
C ARG B 306 7.83 16.92 -13.76
N GLU B 307 9.00 17.27 -14.31
CA GLU B 307 10.00 16.29 -14.72
C GLU B 307 10.75 15.73 -13.48
N LEU B 308 10.74 16.46 -12.36
CA LEU B 308 11.28 15.97 -11.06
C LEU B 308 10.29 14.96 -10.46
N LEU B 309 9.00 15.27 -10.57
CA LEU B 309 7.92 14.40 -10.14
C LEU B 309 7.85 13.17 -11.04
N GLU B 310 8.26 13.33 -12.30
CA GLU B 310 8.38 12.20 -13.23
C GLU B 310 9.51 11.31 -12.73
N ARG B 311 10.69 11.92 -12.53
CA ARG B 311 11.86 11.24 -12.00
C ARG B 311 11.47 10.43 -10.76
N ASP B 312 10.83 11.09 -9.79
CA ASP B 312 10.74 10.63 -8.41
C ASP B 312 9.30 10.71 -7.89
N ALA B 313 8.43 9.80 -8.34
CA ALA B 313 6.95 9.84 -8.01
C ALA B 313 6.70 9.78 -6.49
N SER B 314 7.74 9.50 -5.69
CA SER B 314 7.62 9.45 -4.22
C SER B 314 7.17 10.82 -3.65
N LEU B 315 7.43 11.89 -4.40
CA LEU B 315 7.11 13.25 -3.99
C LEU B 315 5.65 13.60 -4.27
N ILE B 316 4.85 12.68 -4.85
CA ILE B 316 3.40 12.94 -5.10
C ILE B 316 2.69 13.42 -3.84
N PRO B 317 2.74 12.72 -2.68
CA PRO B 317 1.99 13.16 -1.50
C PRO B 317 2.30 14.61 -1.10
N ASN B 318 3.58 14.99 -1.17
CA ASN B 318 4.00 16.33 -0.82
C ASN B 318 3.62 17.31 -1.93
N ALA B 319 3.82 16.88 -3.19
CA ALA B 319 3.39 17.64 -4.38
C ALA B 319 1.95 18.16 -4.18
N VAL B 320 1.04 17.26 -3.77
CA VAL B 320 -0.39 17.55 -3.60
C VAL B 320 -0.55 18.71 -2.61
N GLN B 321 0.31 18.75 -1.59
CA GLN B 321 0.30 19.77 -0.54
C GLN B 321 0.93 21.10 -1.01
N GLU B 322 1.83 21.02 -2.00
CA GLU B 322 2.45 22.18 -2.62
C GLU B 322 1.45 22.86 -3.56
N CYS B 323 0.87 22.04 -4.47
CA CYS B 323 -0.10 22.47 -5.47
C CYS B 323 -1.29 23.15 -4.80
N ILE B 324 -1.84 22.50 -3.76
CA ILE B 324 -2.92 23.08 -2.97
C ILE B 324 -2.50 24.48 -2.51
N ARG B 325 -1.36 24.59 -1.83
CA ARG B 325 -0.82 25.85 -1.34
C ARG B 325 -0.74 26.88 -2.48
N TYR B 326 -0.29 26.42 -3.66
CA TYR B 326 -0.01 27.31 -4.81
C TYR B 326 -1.30 27.78 -5.48
N VAL B 327 -2.33 26.91 -5.49
CA VAL B 327 -3.61 27.21 -6.12
C VAL B 327 -4.44 28.07 -5.16
N THR B 328 -4.57 27.61 -3.91
CA THR B 328 -5.41 28.24 -2.86
C THR B 328 -6.86 28.28 -3.31
N PRO B 329 -7.46 27.12 -3.65
CA PRO B 329 -8.75 27.06 -4.37
C PRO B 329 -9.85 28.00 -3.82
N LEU B 330 -9.74 28.38 -2.55
CA LEU B 330 -10.55 29.44 -1.95
C LEU B 330 -9.60 30.54 -1.44
N ALA B 331 -9.73 31.72 -2.04
CA ALA B 331 -8.75 32.81 -1.95
C ALA B 331 -8.81 33.46 -0.56
N HIS B 332 -9.95 33.31 0.11
CA HIS B 332 -10.14 33.77 1.46
C HIS B 332 -11.33 33.08 2.12
N MET B 333 -11.31 33.10 3.47
CA MET B 333 -12.50 32.85 4.27
C MET B 333 -12.72 34.06 5.20
N ARG B 334 -13.81 33.96 5.97
CA ARG B 334 -14.58 35.12 6.35
C ARG B 334 -14.85 35.19 7.85
N ARG B 335 -15.07 36.41 8.31
CA ARG B 335 -15.18 36.63 9.71
C ARG B 335 -16.00 37.89 9.99
N THR B 336 -16.36 38.02 11.28
CA THR B 336 -17.08 39.14 11.81
C THR B 336 -16.67 39.32 13.27
N ALA B 337 -15.86 40.34 13.53
CA ALA B 337 -15.52 40.77 14.89
C ALA B 337 -16.82 40.99 15.68
N THR B 338 -16.82 40.54 16.94
CA THR B 338 -18.01 40.54 17.81
C THR B 338 -17.98 41.80 18.70
N ALA B 339 -16.78 42.14 19.19
CA ALA B 339 -16.51 43.28 20.04
C ALA B 339 -15.22 43.96 19.55
N ASP B 340 -14.86 45.08 20.19
CA ASP B 340 -13.65 45.84 19.86
C ASP B 340 -12.43 45.02 20.28
N THR B 341 -11.36 45.07 19.47
CA THR B 341 -10.14 44.28 19.73
C THR B 341 -8.90 44.95 19.11
N GLU B 342 -7.73 44.71 19.73
CA GLU B 342 -6.42 45.13 19.19
C GLU B 342 -5.74 43.91 18.56
N LEU B 343 -5.75 43.89 17.23
CA LEU B 343 -5.49 42.68 16.44
C LEU B 343 -3.97 42.46 16.35
N PHE B 344 -3.24 43.46 15.82
CA PHE B 344 -1.77 43.47 15.70
C PHE B 344 -1.28 44.93 15.71
N GLY B 345 -1.65 45.64 16.78
CA GLY B 345 -1.46 47.09 16.91
C GLY B 345 -2.45 47.86 16.04
N ASN B 346 -3.72 47.42 16.07
CA ASN B 346 -4.74 47.81 15.09
C ASN B 346 -6.04 48.26 15.77
N GLN B 347 -6.87 48.98 15.00
CA GLN B 347 -8.10 49.59 15.47
C GLN B 347 -9.32 48.78 14.98
N ILE B 348 -9.37 47.50 15.36
CA ILE B 348 -10.55 46.67 15.08
C ILE B 348 -11.60 46.98 16.15
N LYS B 349 -12.74 47.51 15.72
CA LYS B 349 -13.93 47.64 16.56
C LYS B 349 -14.78 46.38 16.37
N ALA B 350 -15.96 46.37 16.99
CA ALA B 350 -16.95 45.29 16.86
C ALA B 350 -17.66 45.41 15.52
N GLY B 351 -18.28 44.30 15.06
CA GLY B 351 -19.20 44.29 13.90
C GLY B 351 -18.53 44.69 12.59
N GLU B 352 -17.19 44.75 12.58
CA GLU B 352 -16.44 45.01 11.39
C GLU B 352 -16.10 43.65 10.77
N LYS B 353 -16.37 43.52 9.45
CA LYS B 353 -15.88 42.41 8.64
C LYS B 353 -14.36 42.32 8.74
N VAL B 354 -13.85 41.08 8.85
CA VAL B 354 -12.44 40.79 8.80
C VAL B 354 -12.23 39.73 7.71
N ILE B 355 -11.36 40.04 6.73
CA ILE B 355 -11.17 39.20 5.54
C ILE B 355 -9.84 38.46 5.65
N LEU B 356 -9.90 37.15 5.39
CA LEU B 356 -8.84 36.21 5.67
C LEU B 356 -8.20 35.77 4.34
N TRP B 357 -7.26 36.58 3.83
CA TRP B 357 -6.61 36.29 2.54
C TRP B 357 -5.56 35.18 2.72
N TYR B 358 -6.02 33.95 2.42
CA TYR B 358 -5.19 32.75 2.38
C TYR B 358 -4.20 32.84 1.23
N ILE B 359 -4.70 33.36 0.10
CA ILE B 359 -3.92 33.51 -1.12
C ILE B 359 -2.70 34.41 -0.87
N SER B 360 -2.82 35.36 0.07
CA SER B 360 -1.67 36.15 0.52
C SER B 360 -0.83 35.38 1.54
N ALA B 361 -1.49 34.62 2.43
CA ALA B 361 -0.82 33.86 3.49
C ALA B 361 0.06 32.75 2.91
N ASN B 362 -0.44 32.06 1.86
CA ASN B 362 0.29 30.96 1.22
C ASN B 362 1.54 31.45 0.48
N ARG B 363 1.77 32.78 0.44
CA ARG B 363 2.99 33.32 -0.15
C ARG B 363 3.72 34.23 0.84
N ASP B 364 3.38 34.10 2.12
CA ASP B 364 4.09 34.77 3.19
C ASP B 364 5.53 34.26 3.21
N GLU B 365 6.49 35.15 2.97
CA GLU B 365 7.93 34.78 2.90
C GLU B 365 8.46 34.39 4.29
N THR B 366 7.70 34.65 5.36
CA THR B 366 8.13 34.27 6.71
C THR B 366 8.16 32.75 6.85
N VAL B 367 7.46 32.05 5.96
CA VAL B 367 7.37 30.60 6.02
C VAL B 367 7.80 30.00 4.67
N PHE B 368 7.23 30.47 3.55
CA PHE B 368 7.49 29.86 2.24
C PHE B 368 8.62 30.60 1.49
N GLU B 369 9.86 30.30 1.89
CA GLU B 369 11.08 30.86 1.29
C GLU B 369 10.99 30.70 -0.24
N ASN B 370 10.89 31.82 -0.96
CA ASN B 370 10.76 31.88 -2.44
C ASN B 370 9.37 31.39 -2.83
N PRO B 371 8.29 32.06 -2.40
CA PRO B 371 6.95 31.49 -2.44
C PRO B 371 6.30 31.32 -3.82
N ASP B 372 6.69 32.12 -4.82
CA ASP B 372 6.00 32.10 -6.12
C ASP B 372 6.31 30.82 -6.89
N LYS B 373 7.55 30.31 -6.75
CA LYS B 373 7.98 29.06 -7.41
C LYS B 373 7.30 27.86 -6.74
N LEU B 374 6.71 27.02 -7.59
CA LEU B 374 6.10 25.78 -7.20
C LEU B 374 7.23 24.79 -6.90
N MET B 375 7.33 24.34 -5.64
CA MET B 375 8.41 23.44 -5.21
C MET B 375 7.81 22.15 -4.64
N VAL B 376 7.50 21.21 -5.55
CA VAL B 376 6.91 19.90 -5.22
C VAL B 376 7.59 19.27 -3.99
N ASP B 377 8.92 19.43 -3.90
CA ASP B 377 9.69 18.91 -2.77
C ASP B 377 9.74 19.94 -1.63
N ARG B 378 8.82 20.91 -1.59
CA ARG B 378 8.84 21.94 -0.53
C ARG B 378 8.63 21.26 0.83
N PRO B 379 9.60 21.37 1.77
CA PRO B 379 9.54 20.61 3.02
C PRO B 379 8.36 20.93 3.95
N ASN B 380 7.87 22.17 3.89
CA ASN B 380 6.79 22.63 4.75
C ASN B 380 5.56 22.99 3.91
N ALA B 381 5.42 22.34 2.76
CA ALA B 381 4.21 22.45 1.94
C ALA B 381 2.97 22.28 2.81
N ARG B 382 3.03 21.34 3.78
CA ARG B 382 1.94 20.98 4.71
C ARG B 382 1.33 22.21 5.39
N ARG B 383 2.16 23.24 5.62
CA ARG B 383 1.86 24.37 6.53
C ARG B 383 0.82 25.33 5.92
N HIS B 384 0.49 25.17 4.63
CA HIS B 384 -0.44 26.05 3.92
C HIS B 384 -1.81 26.12 4.59
N LEU B 385 -2.61 27.12 4.18
CA LEU B 385 -3.88 27.46 4.83
C LEU B 385 -5.01 27.55 3.80
N SER B 386 -4.88 26.78 2.72
CA SER B 386 -5.95 26.62 1.75
C SER B 386 -7.13 25.89 2.38
N PHE B 387 -6.85 25.04 3.38
CA PHE B 387 -7.85 24.35 4.18
C PHE B 387 -8.25 25.16 5.42
N GLY B 388 -7.59 26.31 5.63
CA GLY B 388 -7.85 27.20 6.76
C GLY B 388 -7.04 26.81 7.97
N HIS B 389 -7.62 27.00 9.17
CA HIS B 389 -6.98 26.71 10.47
C HIS B 389 -8.04 26.57 11.57
N GLY B 390 -7.66 25.90 12.67
CA GLY B 390 -8.50 25.74 13.86
C GLY B 390 -9.67 24.80 13.64
N ILE B 391 -10.75 25.08 14.39
CA ILE B 391 -11.93 24.20 14.57
C ILE B 391 -12.73 24.05 13.27
N HIS B 392 -12.59 25.01 12.35
CA HIS B 392 -13.42 25.05 11.15
C HIS B 392 -12.68 24.46 9.94
N ARG B 393 -11.45 23.94 10.15
CA ARG B 393 -10.58 23.37 9.08
C ARG B 393 -11.34 22.34 8.24
N CYS B 394 -11.04 22.30 6.94
CA CYS B 394 -11.80 21.51 6.00
C CYS B 394 -11.95 20.08 6.55
N VAL B 395 -13.20 19.69 6.80
CA VAL B 395 -13.55 18.37 7.31
C VAL B 395 -13.09 17.33 6.26
N GLY B 396 -13.24 17.69 4.99
CA GLY B 396 -12.97 16.79 3.86
C GLY B 396 -11.54 16.86 3.36
N ALA B 397 -10.62 17.47 4.12
CA ALA B 397 -9.25 17.73 3.65
C ALA B 397 -8.57 16.44 3.21
N ARG B 398 -8.92 15.31 3.86
CA ARG B 398 -8.31 13.99 3.55
C ARG B 398 -8.84 13.44 2.23
N LEU B 399 -10.14 13.61 1.96
CA LEU B 399 -10.79 13.00 0.79
C LEU B 399 -10.40 13.77 -0.47
N ALA B 400 -10.03 15.04 -0.29
CA ALA B 400 -9.37 15.79 -1.33
C ALA B 400 -7.98 15.18 -1.56
N GLU B 401 -7.18 15.15 -0.48
CA GLU B 401 -5.81 14.69 -0.55
C GLU B 401 -5.73 13.33 -1.23
N LEU B 402 -6.63 12.42 -0.82
CA LEU B 402 -6.69 11.08 -1.38
C LEU B 402 -6.94 11.21 -2.88
N GLN B 403 -8.03 11.90 -3.22
CA GLN B 403 -8.48 12.02 -4.59
C GLN B 403 -7.32 12.57 -5.43
N LEU B 404 -6.68 13.63 -4.92
CA LEU B 404 -5.61 14.33 -5.65
C LEU B 404 -4.37 13.42 -5.84
N ARG B 405 -3.92 12.78 -4.76
CA ARG B 405 -2.80 11.84 -4.79
C ARG B 405 -3.06 10.80 -5.88
N ILE B 406 -4.27 10.25 -5.87
CA ILE B 406 -4.64 9.11 -6.73
C ILE B 406 -4.58 9.56 -8.20
N LEU B 407 -5.07 10.77 -8.47
CA LEU B 407 -5.02 11.35 -9.81
C LEU B 407 -3.58 11.40 -10.30
N LEU B 408 -2.68 11.96 -9.48
CA LEU B 408 -1.25 12.02 -9.86
C LEU B 408 -0.72 10.60 -10.11
N GLU B 409 -1.11 9.65 -9.24
CA GLU B 409 -0.48 8.35 -9.22
C GLU B 409 -0.75 7.59 -10.54
N GLU B 410 -2.02 7.38 -10.91
CA GLU B 410 -2.31 6.59 -12.13
C GLU B 410 -2.17 7.50 -13.38
N MET B 411 -1.78 8.77 -13.21
CA MET B 411 -1.26 9.61 -14.34
C MET B 411 0.19 9.20 -14.61
N HIS B 412 0.99 9.21 -13.54
CA HIS B 412 2.40 8.84 -13.63
C HIS B 412 2.54 7.37 -14.09
N GLU B 413 1.50 6.56 -13.85
CA GLU B 413 1.44 5.16 -14.29
C GLU B 413 1.24 5.14 -15.81
N ARG B 414 0.72 6.24 -16.38
CA ARG B 414 0.54 6.36 -17.83
C ARG B 414 1.47 7.42 -18.41
N ARG B 415 2.39 7.93 -17.58
CA ARG B 415 3.46 8.82 -18.04
C ARG B 415 2.82 9.99 -18.80
N MET B 416 1.70 10.46 -18.27
CA MET B 416 0.93 11.54 -18.88
C MET B 416 1.60 12.89 -18.57
N ARG B 417 1.83 13.66 -19.63
CA ARG B 417 2.34 14.99 -19.58
C ARG B 417 1.26 15.90 -20.17
N VAL B 418 0.59 16.67 -19.31
CA VAL B 418 -0.55 17.47 -19.71
C VAL B 418 -0.07 18.86 -20.12
N ARG B 419 0.02 19.11 -21.43
CA ARG B 419 0.45 20.36 -21.99
C ARG B 419 -0.77 21.27 -22.20
N VAL B 420 -0.69 22.53 -21.78
CA VAL B 420 -1.82 23.49 -21.90
C VAL B 420 -1.79 24.15 -23.29
N ALA B 421 -2.81 23.89 -24.11
CA ALA B 421 -2.79 24.28 -25.54
C ALA B 421 -3.82 25.39 -25.83
N GLY B 422 -5.11 25.06 -25.78
CA GLY B 422 -6.19 26.02 -26.10
C GLY B 422 -6.44 27.03 -24.99
N GLU B 423 -7.64 27.63 -24.98
CA GLU B 423 -7.93 28.79 -24.11
C GLU B 423 -7.84 28.37 -22.64
N VAL B 424 -7.74 29.38 -21.79
CA VAL B 424 -7.60 29.18 -20.37
C VAL B 424 -8.29 30.36 -19.67
N GLU B 425 -9.59 30.20 -19.42
CA GLU B 425 -10.34 31.19 -18.67
C GLU B 425 -10.19 30.88 -17.17
N ARG B 426 -9.90 31.92 -16.37
CA ARG B 426 -9.94 31.85 -14.87
C ARG B 426 -11.32 32.28 -14.35
N VAL B 427 -11.69 31.73 -13.20
CA VAL B 427 -12.96 32.03 -12.52
C VAL B 427 -12.97 33.51 -12.10
N ARG B 428 -13.98 34.23 -12.59
CA ARG B 428 -14.27 35.61 -12.19
C ARG B 428 -14.93 35.60 -10.80
N ALA B 429 -14.13 35.92 -9.78
CA ALA B 429 -14.56 36.00 -8.38
C ALA B 429 -13.38 36.44 -7.51
N ASN B 430 -13.64 36.67 -6.22
CA ASN B 430 -12.63 37.06 -5.24
C ASN B 430 -12.52 36.01 -4.13
N PHE B 431 -13.33 34.94 -4.24
CA PHE B 431 -13.47 33.85 -3.26
C PHE B 431 -12.99 32.53 -3.90
N VAL B 432 -13.84 31.92 -4.75
CA VAL B 432 -13.42 30.79 -5.55
C VAL B 432 -12.27 31.25 -6.45
N HIS B 433 -11.31 30.36 -6.69
CA HIS B 433 -10.12 30.71 -7.43
C HIS B 433 -9.61 29.48 -8.18
N GLY B 434 -10.00 29.38 -9.45
CA GLY B 434 -9.58 28.27 -10.29
C GLY B 434 -9.81 28.57 -11.76
N PHE B 435 -10.51 27.66 -12.44
CA PHE B 435 -10.57 27.64 -13.89
C PHE B 435 -11.98 27.25 -14.37
N ARG B 436 -12.48 27.99 -15.36
CA ARG B 436 -13.71 27.66 -16.06
C ARG B 436 -13.37 26.69 -17.21
N LYS B 437 -12.31 26.99 -17.97
CA LYS B 437 -11.89 26.14 -19.08
C LYS B 437 -10.35 26.10 -19.17
N LEU B 438 -9.84 24.88 -19.39
CA LEU B 438 -8.43 24.63 -19.53
C LEU B 438 -8.23 23.54 -20.60
N GLU B 439 -7.99 23.98 -21.83
CA GLU B 439 -7.83 23.08 -22.97
C GLU B 439 -6.36 22.64 -23.04
N VAL B 440 -6.16 21.33 -23.22
CA VAL B 440 -4.85 20.66 -23.10
C VAL B 440 -4.71 19.59 -24.19
N GLU B 441 -3.47 19.11 -24.35
CA GLU B 441 -3.08 17.90 -25.13
C GLU B 441 -2.12 17.07 -24.24
N LEU B 442 -1.69 15.89 -24.71
CA LEU B 442 -1.07 14.85 -23.85
C LEU B 442 0.31 14.41 -24.36
N GLU B 443 1.07 13.71 -23.50
CA GLU B 443 2.46 13.24 -23.75
C GLU B 443 2.67 13.05 -25.26
CHA HEM C . 7.05 -17.82 8.13
CHB HEM C . 4.05 -18.73 4.51
CHC HEM C . 5.15 -14.40 2.61
CHD HEM C . 8.70 -14.02 5.74
C1A HEM C . 6.11 -18.39 7.33
C2A HEM C . 5.58 -19.66 7.53
C3A HEM C . 4.74 -19.94 6.53
C4A HEM C . 4.78 -18.84 5.68
CMA HEM C . 3.88 -21.18 6.31
CAA HEM C . 5.83 -20.55 8.71
CBA HEM C . 4.72 -20.28 9.74
CGA HEM C . 4.76 -21.34 10.80
O1A HEM C . 3.95 -21.28 11.74
O2A HEM C . 5.57 -22.30 10.76
C1B HEM C . 4.09 -17.61 3.71
C2B HEM C . 3.25 -17.45 2.60
C3B HEM C . 3.53 -16.23 2.03
C4B HEM C . 4.59 -15.64 2.87
CMB HEM C . 2.25 -18.47 2.18
CAB HEM C . 2.93 -15.50 0.88
CBB HEM C . 1.84 -15.91 0.25
C1C HEM C . 6.25 -13.90 3.27
C2C HEM C . 6.92 -12.69 3.00
C3C HEM C . 7.94 -12.59 3.93
C4C HEM C . 7.86 -13.76 4.70
CMC HEM C . 6.53 -11.69 1.92
CAC HEM C . 9.01 -11.56 4.11
CBC HEM C . 9.28 -10.59 3.23
C1D HEM C . 8.49 -15.02 6.64
C2D HEM C . 9.33 -15.12 7.82
C3D HEM C . 8.90 -16.20 8.50
C4D HEM C . 7.75 -16.71 7.73
CMD HEM C . 10.47 -14.19 8.13
CAD HEM C . 9.43 -16.69 9.82
CBD HEM C . 8.51 -16.01 10.82
CGD HEM C . 8.66 -16.54 12.24
O1D HEM C . 8.46 -15.75 13.20
O2D HEM C . 9.02 -17.74 12.44
NA HEM C . 5.61 -17.91 6.18
NB HEM C . 4.87 -16.54 3.82
NC HEM C . 6.84 -14.54 4.30
ND HEM C . 7.56 -15.99 6.63
FE HEM C . 6.27 -16.27 5.31
CHA HEM D . -14.39 23.90 5.32
CHB HEM D . -11.17 24.50 1.78
CHC HEM D . -12.35 20.07 0.08
CHD HEM D . -16.20 20.13 2.97
C1A HEM D . -13.38 24.41 4.55
C2A HEM D . -12.69 25.60 4.88
C3A HEM D . -11.79 25.77 3.85
C4A HEM D . -11.93 24.70 2.92
CMA HEM D . -10.83 26.92 3.72
CAA HEM D . -12.95 26.51 6.08
CBA HEM D . -11.71 26.77 6.95
CGA HEM D . -11.77 27.84 8.04
O1A HEM D . -10.85 27.88 8.91
O2A HEM D . -12.67 28.70 8.19
C1B HEM D . -11.19 23.31 1.03
C2B HEM D . -10.23 23.02 0.01
C3B HEM D . -10.53 21.77 -0.48
C4B HEM D . -11.72 21.30 0.30
CMB HEM D . -9.11 23.94 -0.45
CAB HEM D . -9.87 20.95 -1.54
CBB HEM D . -8.71 21.27 -2.12
C1C HEM D . -13.52 19.68 0.70
C2C HEM D . -14.23 18.49 0.49
C3C HEM D . -15.36 18.51 1.31
C4C HEM D . -15.30 19.74 2.01
CMC HEM D . -13.82 17.39 -0.47
CAC HEM D . -16.45 17.51 1.53
CBC HEM D . -16.54 16.32 0.95
C1D HEM D . -15.97 21.16 3.85
C2D HEM D . -16.83 21.38 5.02
C3D HEM D . -16.31 22.43 5.67
C4D HEM D . -15.14 22.82 4.92
CMD HEM D . -18.05 20.61 5.44
CAD HEM D . -16.82 23.07 6.93
CBD HEM D . -15.99 22.57 8.10
CGD HEM D . -16.38 23.32 9.35
O1D HEM D . -17.01 22.72 10.26
O2D HEM D . -16.08 24.53 9.46
NA HEM D . -12.90 23.87 3.37
NB HEM D . -12.04 22.28 1.16
NC HEM D . -14.17 20.42 1.63
ND HEM D . -14.98 22.04 3.84
FE HEM D . -13.60 22.20 2.56
#